data_2Q60
#
_entry.id   2Q60
#
_cell.length_a   82.260
_cell.length_b   96.120
_cell.length_c   151.720
_cell.angle_alpha   90.000
_cell.angle_beta   90.000
_cell.angle_gamma   90.000
#
_symmetry.space_group_name_H-M   'P 21 21 21'
#
loop_
_entity.id
_entity.type
_entity.pdbx_description
1 polymer 'Retinoid X receptor'
2 water water
#
_entity_poly.entity_id   1
_entity_poly.type   'polypeptide(L)'
_entity_poly.pdbx_seq_one_letter_code
;MGSSHHHHHHSSGLVPRGSHMASNPNDDMPVDKILEAELISDPKVEQVVPFEQVNENDPVSNICKAADRQLVTLVEWAKR
IPHFSSLPLEDQVILLRAGWNELLIASFSHRSIDVKDSILLASGLHVHRHSAHQAGVGPIFDRVLTELVSKMRDMMMDKT
ELGCLRAVVLFNPDVKNPSDSAHIESLREKVYASLEAYCRSKYPDQPGRFAKLLLRLPALRSIGLKCLEHLFFFKLIGDT
PIDKFLMNMLETTSDFPV
;
_entity_poly.pdbx_strand_id   A,B,C,D
#
# COMPACT_ATOMS: atom_id res chain seq x y z
N ASN A 24 -5.88 -46.08 -2.19
CA ASN A 24 -5.24 -44.88 -1.55
C ASN A 24 -6.12 -43.63 -1.61
N PRO A 25 -7.33 -43.70 -1.04
CA PRO A 25 -8.28 -42.57 -1.15
C PRO A 25 -7.75 -41.30 -0.48
N ASN A 26 -7.55 -41.39 0.83
CA ASN A 26 -7.03 -40.28 1.62
C ASN A 26 -6.17 -40.82 2.77
N ASP A 27 -5.32 -41.79 2.45
CA ASP A 27 -4.38 -42.35 3.40
C ASP A 27 -3.27 -41.36 3.67
N ASP A 28 -2.92 -40.58 2.64
CA ASP A 28 -1.93 -39.51 2.75
C ASP A 28 -2.44 -38.32 3.58
N MET A 29 -3.76 -38.11 3.56
CA MET A 29 -4.38 -37.00 4.30
C MET A 29 -5.81 -37.36 4.72
N PRO A 30 -5.97 -38.03 5.88
CA PRO A 30 -7.20 -38.64 6.37
C PRO A 30 -8.55 -38.00 5.98
N VAL A 31 -8.79 -36.76 6.38
CA VAL A 31 -10.11 -36.09 6.23
C VAL A 31 -10.94 -36.27 7.50
N ASP A 32 -11.11 -37.53 7.91
CA ASP A 32 -11.82 -37.85 9.15
C ASP A 32 -11.03 -37.32 10.36
N LYS A 33 -9.71 -37.15 10.17
CA LYS A 33 -8.86 -36.52 11.18
C LYS A 33 -8.91 -34.99 11.09
N ILE A 34 -9.12 -34.46 9.89
CA ILE A 34 -9.29 -33.02 9.68
C ILE A 34 -10.57 -32.51 10.36
N LEU A 35 -11.60 -33.35 10.40
CA LEU A 35 -12.85 -33.01 11.10
C LEU A 35 -12.62 -32.92 12.61
N GLU A 36 -11.81 -33.84 13.15
CA GLU A 36 -11.48 -33.83 14.58
C GLU A 36 -10.80 -32.52 14.99
N ALA A 37 -9.84 -32.09 14.17
CA ALA A 37 -9.18 -30.80 14.37
C ALA A 37 -10.21 -29.67 14.37
N GLU A 38 -11.16 -29.76 13.45
CA GLU A 38 -12.24 -28.78 13.34
C GLU A 38 -13.12 -28.73 14.59
N LEU A 39 -13.46 -29.90 15.13
CA LEU A 39 -14.33 -29.98 16.29
C LEU A 39 -13.62 -29.49 17.56
N ILE A 40 -13.56 -28.17 17.68
CA ILE A 40 -13.04 -27.48 18.86
C ILE A 40 -14.25 -27.16 19.75
N SER A 41 -14.58 -28.12 20.62
CA SER A 41 -15.72 -28.02 21.54
C SER A 41 -17.03 -27.74 20.79
N LYS A 65 -10.20 -3.48 31.16
CA LYS A 65 -11.05 -4.28 30.30
C LYS A 65 -10.57 -4.20 28.85
N ALA A 66 -9.34 -4.67 28.63
CA ALA A 66 -8.71 -4.64 27.30
C ALA A 66 -9.25 -5.77 26.42
N ALA A 67 -10.37 -5.49 25.76
CA ALA A 67 -11.06 -6.41 24.83
C ALA A 67 -10.49 -7.82 24.65
N ASP A 68 -9.31 -7.91 24.02
CA ASP A 68 -8.78 -9.16 23.45
C ASP A 68 -9.02 -10.44 24.27
N ARG A 69 -9.56 -11.44 23.59
CA ARG A 69 -9.66 -12.80 24.12
C ARG A 69 -8.93 -13.71 23.13
N GLN A 70 -7.75 -14.19 23.51
CA GLN A 70 -6.93 -15.01 22.61
C GLN A 70 -7.64 -16.30 22.23
N LEU A 71 -8.32 -16.28 21.09
CA LEU A 71 -8.82 -17.50 20.46
C LEU A 71 -7.80 -18.01 19.44
N VAL A 72 -6.52 -17.92 19.81
CA VAL A 72 -5.45 -18.51 19.02
C VAL A 72 -5.33 -19.99 19.43
N THR A 73 -6.48 -20.66 19.49
CA THR A 73 -6.59 -22.11 19.54
C THR A 73 -6.30 -22.64 18.13
N LEU A 74 -6.33 -21.72 17.16
CA LEU A 74 -5.88 -21.94 15.79
C LEU A 74 -4.55 -22.73 15.66
N VAL A 75 -3.68 -22.62 16.65
CA VAL A 75 -2.41 -23.35 16.62
C VAL A 75 -2.61 -24.79 17.11
N GLU A 76 -3.57 -24.99 18.01
CA GLU A 76 -3.98 -26.35 18.39
C GLU A 76 -4.57 -27.03 17.15
N TRP A 77 -5.40 -26.30 16.41
CA TRP A 77 -5.97 -26.78 15.15
C TRP A 77 -4.88 -27.19 14.16
N ALA A 78 -3.92 -26.30 13.93
CA ALA A 78 -2.84 -26.55 12.97
C ALA A 78 -2.10 -27.85 13.25
N LYS A 79 -1.76 -28.08 14.52
CA LYS A 79 -1.11 -29.32 14.94
C LYS A 79 -1.97 -30.56 14.68
N ARG A 80 -3.28 -30.42 14.89
CA ARG A 80 -4.23 -31.52 14.67
C ARG A 80 -4.47 -31.84 13.19
N ILE A 81 -4.04 -30.94 12.29
CA ILE A 81 -4.05 -31.22 10.86
C ILE A 81 -2.85 -32.13 10.54
N PRO A 82 -3.11 -33.30 9.92
CA PRO A 82 -2.04 -34.27 9.63
C PRO A 82 -0.81 -33.65 8.96
N HIS A 83 0.37 -34.09 9.40
CA HIS A 83 1.65 -33.76 8.77
C HIS A 83 2.05 -32.28 8.85
N PHE A 84 1.35 -31.49 9.67
CA PHE A 84 1.74 -30.10 9.86
C PHE A 84 2.96 -30.03 10.76
N SER A 85 2.97 -30.83 11.82
CA SER A 85 4.10 -30.90 12.74
C SER A 85 5.30 -31.61 12.12
N SER A 86 5.06 -32.38 11.06
CA SER A 86 6.14 -32.99 10.28
C SER A 86 6.91 -31.92 9.50
N LEU A 87 6.21 -30.85 9.16
CA LEU A 87 6.80 -29.74 8.41
C LEU A 87 7.90 -29.08 9.25
N PRO A 88 8.93 -28.52 8.60
CA PRO A 88 9.97 -27.82 9.36
C PRO A 88 9.38 -26.76 10.28
N LEU A 89 9.94 -26.63 11.48
CA LEU A 89 9.42 -25.71 12.50
C LEU A 89 9.41 -24.27 11.98
N GLU A 90 10.45 -23.89 11.23
CA GLU A 90 10.53 -22.56 10.62
C GLU A 90 9.35 -22.31 9.68
N ASP A 91 8.97 -23.34 8.92
CA ASP A 91 7.82 -23.23 8.02
C ASP A 91 6.49 -23.23 8.76
N GLN A 92 6.41 -23.99 9.85
CA GLN A 92 5.19 -24.07 10.65
C GLN A 92 4.76 -22.69 11.15
N VAL A 93 5.70 -21.91 11.67
CA VAL A 93 5.42 -20.56 12.14
C VAL A 93 5.20 -19.61 10.95
N ILE A 94 5.90 -19.85 9.84
CA ILE A 94 5.73 -19.05 8.62
C ILE A 94 4.33 -19.21 8.03
N LEU A 95 3.83 -20.44 7.97
CA LEU A 95 2.51 -20.71 7.42
C LEU A 95 1.38 -20.13 8.27
N LEU A 96 1.53 -20.17 9.59
CA LEU A 96 0.52 -19.63 10.50
C LEU A 96 0.49 -18.10 10.47
N ARG A 97 1.66 -17.47 10.52
CA ARG A 97 1.75 -16.01 10.42
C ARG A 97 1.21 -15.51 9.08
N ALA A 98 1.38 -16.32 8.04
CA ALA A 98 0.86 -15.99 6.70
C ALA A 98 -0.65 -16.11 6.60
N GLY A 99 -1.22 -17.14 7.23
CA GLY A 99 -2.63 -17.48 7.01
C GLY A 99 -3.58 -17.35 8.19
N TRP A 100 -3.13 -16.80 9.31
CA TRP A 100 -4.01 -16.69 10.49
C TRP A 100 -5.28 -15.90 10.17
N ASN A 101 -5.14 -14.81 9.42
CA ASN A 101 -6.27 -13.91 9.17
C ASN A 101 -7.37 -14.51 8.30
N GLU A 102 -7.01 -15.46 7.43
CA GLU A 102 -8.00 -16.15 6.60
C GLU A 102 -8.61 -17.35 7.30
N LEU A 103 -7.78 -18.07 8.05
CA LEU A 103 -8.25 -19.22 8.82
C LEU A 103 -9.32 -18.80 9.84
N LEU A 104 -9.12 -17.66 10.49
CA LEU A 104 -10.10 -17.13 11.44
C LEU A 104 -11.35 -16.58 10.74
N ILE A 105 -11.17 -15.93 9.59
CA ILE A 105 -12.31 -15.35 8.85
C ILE A 105 -13.22 -16.41 8.25
N ALA A 106 -12.63 -17.48 7.72
CA ALA A 106 -13.40 -18.62 7.22
C ALA A 106 -14.13 -19.32 8.36
N SER A 107 -13.51 -19.31 9.55
CA SER A 107 -14.07 -20.01 10.72
C SER A 107 -15.36 -19.38 11.24
N PHE A 108 -15.35 -18.07 11.49
CA PHE A 108 -16.55 -17.41 11.98
C PHE A 108 -17.60 -17.18 10.87
N SER A 109 -17.16 -17.20 9.61
CA SER A 109 -18.06 -17.18 8.47
C SER A 109 -18.95 -18.43 8.47
N HIS A 110 -18.32 -19.57 8.75
CA HIS A 110 -19.01 -20.85 8.83
C HIS A 110 -19.75 -21.03 10.17
N ARG A 111 -19.48 -20.17 11.14
CA ARG A 111 -20.19 -20.18 12.42
C ARG A 111 -21.57 -19.55 12.30
N SER A 112 -21.68 -18.50 11.49
CA SER A 112 -22.93 -17.77 11.30
C SER A 112 -23.74 -18.22 10.08
N ILE A 113 -23.71 -19.53 9.80
CA ILE A 113 -24.50 -20.10 8.71
C ILE A 113 -25.98 -20.19 9.12
N ASP A 114 -26.24 -20.17 10.43
CA ASP A 114 -27.59 -20.31 10.97
C ASP A 114 -28.24 -18.96 11.27
N VAL A 115 -27.44 -18.01 11.75
CA VAL A 115 -27.93 -16.65 12.07
C VAL A 115 -28.06 -15.80 10.81
N LYS A 116 -28.97 -14.81 10.85
CA LYS A 116 -29.24 -13.96 9.69
C LYS A 116 -28.54 -12.60 9.78
N ASP A 117 -27.96 -12.17 8.67
CA ASP A 117 -27.26 -10.87 8.55
C ASP A 117 -26.46 -10.50 9.80
N SER A 118 -25.57 -11.39 10.21
CA SER A 118 -24.74 -11.20 11.39
C SER A 118 -23.57 -12.18 11.41
N ILE A 119 -22.50 -11.83 12.14
CA ILE A 119 -21.24 -12.58 12.09
C ILE A 119 -21.13 -13.66 13.16
N LEU A 120 -21.47 -13.32 14.40
CA LEU A 120 -21.40 -14.28 15.52
C LEU A 120 -19.99 -14.83 15.72
N LEU A 121 -19.22 -14.19 16.61
CA LEU A 121 -17.83 -14.59 16.86
C LEU A 121 -17.76 -15.85 17.73
N ALA A 122 -16.55 -16.37 17.89
CA ALA A 122 -16.34 -17.63 18.62
C ALA A 122 -16.52 -17.45 20.14
N SER A 123 -17.78 -17.34 20.58
CA SER A 123 -18.06 -17.06 21.99
C SER A 123 -19.48 -16.59 22.29
N GLY A 124 -20.09 -15.89 21.35
CA GLY A 124 -21.45 -15.37 21.54
C GLY A 124 -21.64 -13.94 21.03
N LEU A 125 -20.53 -13.21 20.88
CA LEU A 125 -20.57 -11.84 20.36
C LEU A 125 -21.31 -11.75 19.02
N HIS A 126 -22.61 -11.50 19.10
CA HIS A 126 -23.48 -11.48 17.93
C HIS A 126 -23.42 -10.11 17.25
N VAL A 127 -22.50 -9.97 16.29
CA VAL A 127 -22.28 -8.70 15.60
C VAL A 127 -23.29 -8.52 14.49
N HIS A 128 -23.91 -7.35 14.42
CA HIS A 128 -24.96 -7.06 13.43
C HIS A 128 -24.49 -6.15 12.30
N ARG A 129 -25.23 -6.18 11.19
CA ARG A 129 -24.93 -5.38 10.01
C ARG A 129 -24.97 -3.88 10.31
N HIS A 130 -26.00 -3.45 11.04
CA HIS A 130 -26.13 -2.04 11.41
C HIS A 130 -25.00 -1.62 12.36
N SER A 131 -24.63 -2.51 13.27
CA SER A 131 -23.52 -2.27 14.19
C SER A 131 -22.19 -2.09 13.45
N ALA A 132 -22.00 -2.88 12.40
CA ALA A 132 -20.81 -2.80 11.56
C ALA A 132 -20.79 -1.51 10.75
N HIS A 133 -21.93 -1.17 10.15
CA HIS A 133 -22.05 0.05 9.34
C HIS A 133 -21.90 1.33 10.15
N GLN A 134 -22.23 1.26 11.44
CA GLN A 134 -22.00 2.37 12.35
C GLN A 134 -20.53 2.42 12.76
N ALA A 135 -19.93 1.24 12.96
CA ALA A 135 -18.51 1.14 13.33
C ALA A 135 -17.58 1.67 12.23
N GLY A 136 -18.06 1.67 11.00
CA GLY A 136 -17.27 2.13 9.85
C GLY A 136 -16.73 0.98 9.02
N VAL A 137 -17.05 -0.25 9.42
CA VAL A 137 -16.64 -1.45 8.69
C VAL A 137 -17.85 -2.08 7.99
N GLY A 138 -18.61 -1.24 7.28
CA GLY A 138 -19.87 -1.66 6.67
C GLY A 138 -19.69 -2.57 5.46
N PRO A 139 -19.10 -2.03 4.37
CA PRO A 139 -18.87 -2.80 3.15
C PRO A 139 -18.12 -4.13 3.34
N ILE A 140 -17.07 -4.12 4.15
CA ILE A 140 -16.32 -5.34 4.47
C ILE A 140 -17.20 -6.38 5.18
N PHE A 141 -18.13 -5.91 6.00
CA PHE A 141 -19.08 -6.78 6.70
C PHE A 141 -20.05 -7.44 5.72
N ASP A 142 -20.56 -6.66 4.78
CA ASP A 142 -21.48 -7.16 3.76
C ASP A 142 -20.79 -8.18 2.84
N ARG A 143 -19.54 -7.91 2.51
CA ARG A 143 -18.74 -8.84 1.70
C ARG A 143 -18.64 -10.19 2.38
N VAL A 144 -18.26 -10.18 3.66
CA VAL A 144 -18.18 -11.42 4.44
C VAL A 144 -19.49 -12.18 4.40
N LEU A 145 -20.61 -11.46 4.45
CA LEU A 145 -21.93 -12.07 4.44
C LEU A 145 -22.29 -12.65 3.07
N THR A 146 -22.39 -11.79 2.06
CA THR A 146 -22.86 -12.21 0.74
C THR A 146 -21.89 -13.11 -0.03
N GLU A 147 -20.61 -13.06 0.33
CA GLU A 147 -19.58 -13.81 -0.40
C GLU A 147 -19.10 -15.08 0.30
N LEU A 148 -19.14 -15.11 1.64
CA LEU A 148 -18.68 -16.29 2.36
C LEU A 148 -19.80 -17.02 3.12
N VAL A 149 -20.46 -16.36 4.07
CA VAL A 149 -21.47 -17.04 4.89
C VAL A 149 -22.71 -17.42 4.06
N SER A 150 -23.14 -16.50 3.19
CA SER A 150 -24.28 -16.74 2.31
C SER A 150 -24.01 -17.87 1.32
N LYS A 151 -22.82 -17.86 0.71
CA LYS A 151 -22.42 -18.88 -0.25
C LYS A 151 -22.23 -20.24 0.46
N MET A 152 -21.68 -20.22 1.67
CA MET A 152 -21.56 -21.42 2.49
C MET A 152 -22.94 -21.97 2.84
N ARG A 153 -23.87 -21.07 3.17
CA ARG A 153 -25.21 -21.43 3.61
C ARG A 153 -26.00 -22.09 2.49
N ASP A 154 -26.09 -21.41 1.35
CA ASP A 154 -26.80 -21.92 0.17
C ASP A 154 -26.22 -23.26 -0.29
N MET A 155 -24.95 -23.47 -0.01
CA MET A 155 -24.22 -24.64 -0.46
C MET A 155 -24.23 -25.77 0.58
N MET A 156 -24.66 -25.46 1.81
CA MET A 156 -24.65 -26.42 2.91
C MET A 156 -23.25 -27.02 3.14
N MET A 157 -22.23 -26.17 3.10
CA MET A 157 -20.85 -26.57 3.36
C MET A 157 -20.78 -27.19 4.76
N ASP A 158 -20.28 -28.41 4.86
CA ASP A 158 -20.15 -29.09 6.15
C ASP A 158 -18.77 -28.82 6.77
N LYS A 159 -18.60 -29.26 8.02
CA LYS A 159 -17.39 -28.96 8.79
C LYS A 159 -16.12 -29.62 8.23
N THR A 160 -16.27 -30.80 7.65
CA THR A 160 -15.11 -31.52 7.07
C THR A 160 -14.68 -30.91 5.73
N GLU A 161 -15.58 -30.19 5.06
CA GLU A 161 -15.21 -29.39 3.90
C GLU A 161 -14.51 -28.12 4.34
N LEU A 162 -15.07 -27.45 5.36
CA LEU A 162 -14.46 -26.27 5.96
C LEU A 162 -13.04 -26.58 6.42
N GLY A 163 -12.87 -27.72 7.09
CA GLY A 163 -11.56 -28.14 7.58
C GLY A 163 -10.53 -28.26 6.48
N CYS A 164 -10.96 -28.75 5.32
CA CYS A 164 -10.06 -28.96 4.18
C CYS A 164 -9.69 -27.65 3.49
N LEU A 165 -10.67 -26.78 3.27
CA LEU A 165 -10.40 -25.47 2.70
C LEU A 165 -9.41 -24.72 3.57
N ARG A 166 -9.66 -24.73 4.88
CA ARG A 166 -8.76 -24.11 5.84
C ARG A 166 -7.39 -24.78 5.81
N ALA A 167 -7.38 -26.11 5.70
CA ALA A 167 -6.13 -26.86 5.58
C ALA A 167 -5.34 -26.43 4.33
N VAL A 168 -6.05 -26.26 3.21
CA VAL A 168 -5.43 -25.75 1.98
C VAL A 168 -4.87 -24.34 2.19
N VAL A 169 -5.59 -23.50 2.93
CA VAL A 169 -5.11 -22.15 3.25
C VAL A 169 -3.84 -22.24 4.09
N LEU A 170 -3.89 -23.08 5.13
CA LEU A 170 -2.74 -23.28 6.01
C LEU A 170 -1.50 -23.66 5.21
N PHE A 171 -1.65 -24.63 4.31
CA PHE A 171 -0.55 -25.08 3.47
C PHE A 171 -0.39 -24.14 2.27
N ASN A 172 0.14 -22.95 2.53
CA ASN A 172 0.36 -21.96 1.48
C ASN A 172 1.78 -22.06 0.90
N PRO A 173 1.89 -22.47 -0.39
CA PRO A 173 3.20 -22.59 -1.02
C PRO A 173 3.79 -21.27 -1.52
N ASP A 174 2.98 -20.21 -1.54
CA ASP A 174 3.44 -18.89 -2.00
C ASP A 174 4.17 -18.13 -0.90
N VAL A 175 4.12 -18.67 0.32
CA VAL A 175 4.71 -18.02 1.47
C VAL A 175 6.19 -17.69 1.24
N LYS A 176 6.65 -16.58 1.81
CA LYS A 176 8.01 -16.09 1.56
C LYS A 176 9.09 -16.79 2.38
N ASN A 177 10.17 -17.20 1.70
CA ASN A 177 11.32 -17.84 2.34
C ASN A 177 10.96 -19.01 3.26
N PRO A 178 10.35 -20.07 2.70
CA PRO A 178 9.89 -21.17 3.56
C PRO A 178 11.03 -22.04 4.09
N SER A 179 11.73 -22.71 3.19
CA SER A 179 12.71 -23.72 3.58
C SER A 179 12.50 -24.97 2.71
N ASP A 180 11.23 -25.30 2.50
CA ASP A 180 10.84 -26.37 1.58
C ASP A 180 9.44 -26.11 1.03
N SER A 181 9.38 -25.38 -0.09
CA SER A 181 8.13 -25.09 -0.78
C SER A 181 7.52 -26.36 -1.39
N ALA A 182 8.38 -27.29 -1.78
CA ALA A 182 7.94 -28.58 -2.35
C ALA A 182 7.23 -29.44 -1.31
N HIS A 183 7.69 -29.37 -0.06
CA HIS A 183 7.05 -30.07 1.05
C HIS A 183 5.65 -29.51 1.28
N ILE A 184 5.54 -28.17 1.30
CA ILE A 184 4.26 -27.49 1.48
C ILE A 184 3.34 -27.80 0.29
N GLU A 185 3.87 -27.59 -0.92
CA GLU A 185 3.19 -27.98 -2.17
C GLU A 185 2.51 -29.35 -2.05
N SER A 186 3.28 -30.34 -1.62
CA SER A 186 2.80 -31.72 -1.53
C SER A 186 1.64 -31.89 -0.55
N LEU A 187 1.73 -31.25 0.61
CA LEU A 187 0.69 -31.36 1.62
C LEU A 187 -0.63 -30.81 1.10
N ARG A 188 -0.57 -29.61 0.52
CA ARG A 188 -1.74 -28.99 -0.11
C ARG A 188 -2.44 -29.93 -1.07
N GLU A 189 -1.65 -30.59 -1.93
CA GLU A 189 -2.18 -31.54 -2.91
C GLU A 189 -2.95 -32.67 -2.23
N LYS A 190 -2.34 -33.26 -1.21
CA LYS A 190 -2.94 -34.39 -0.50
C LYS A 190 -4.23 -34.00 0.21
N VAL A 191 -4.37 -32.71 0.55
CA VAL A 191 -5.61 -32.21 1.15
C VAL A 191 -6.73 -32.18 0.10
N TYR A 192 -6.55 -31.41 -0.97
CA TYR A 192 -7.61 -31.28 -1.97
C TYR A 192 -7.87 -32.58 -2.75
N ALA A 193 -6.87 -33.45 -2.81
CA ALA A 193 -7.04 -34.80 -3.33
C ALA A 193 -8.07 -35.52 -2.48
N SER A 194 -7.83 -35.51 -1.17
CA SER A 194 -8.72 -36.13 -0.20
C SER A 194 -10.07 -35.41 -0.10
N LEU A 195 -10.06 -34.10 -0.30
CA LEU A 195 -11.28 -33.30 -0.24
C LEU A 195 -12.18 -33.61 -1.45
N GLU A 196 -11.56 -33.79 -2.61
CA GLU A 196 -12.28 -34.22 -3.81
C GLU A 196 -12.83 -35.64 -3.63
N ALA A 197 -12.08 -36.47 -2.93
CA ALA A 197 -12.52 -37.83 -2.61
C ALA A 197 -13.67 -37.81 -1.60
N TYR A 198 -13.58 -36.93 -0.60
CA TYR A 198 -14.68 -36.75 0.34
C TYR A 198 -15.92 -36.25 -0.39
N CYS A 199 -15.76 -35.22 -1.20
CA CYS A 199 -16.78 -34.83 -2.17
C CYS A 199 -16.95 -36.00 -3.13
N ARG A 200 -18.03 -36.00 -3.91
CA ARG A 200 -18.27 -37.08 -4.86
C ARG A 200 -18.25 -38.43 -4.13
N SER A 201 -19.04 -38.49 -3.06
CA SER A 201 -19.15 -39.67 -2.20
C SER A 201 -20.25 -39.37 -1.18
N LYS A 202 -20.08 -38.27 -0.45
CA LYS A 202 -21.16 -37.71 0.37
C LYS A 202 -22.12 -36.89 -0.48
N TYR A 203 -21.60 -36.29 -1.56
CA TYR A 203 -22.40 -35.48 -2.47
C TYR A 203 -22.13 -35.84 -3.94
N PRO A 204 -22.42 -37.10 -4.33
CA PRO A 204 -22.12 -37.56 -5.69
C PRO A 204 -23.00 -36.96 -6.79
N ASP A 205 -24.19 -36.48 -6.42
CA ASP A 205 -25.10 -35.85 -7.38
C ASP A 205 -24.69 -34.43 -7.74
N GLN A 206 -23.74 -33.86 -7.00
CA GLN A 206 -23.18 -32.55 -7.30
C GLN A 206 -21.77 -32.71 -7.88
N PRO A 207 -21.64 -32.70 -9.22
CA PRO A 207 -20.34 -32.96 -9.84
C PRO A 207 -19.25 -31.95 -9.44
N GLY A 208 -19.54 -30.66 -9.62
CA GLY A 208 -18.56 -29.60 -9.39
C GLY A 208 -18.64 -28.93 -8.03
N ARG A 209 -18.97 -29.71 -6.99
CA ARG A 209 -18.98 -29.22 -5.62
C ARG A 209 -17.54 -29.01 -5.12
N PHE A 210 -16.65 -29.95 -5.48
CA PHE A 210 -15.23 -29.83 -5.15
C PHE A 210 -14.63 -28.54 -5.69
N ALA A 211 -14.94 -28.21 -6.95
CA ALA A 211 -14.50 -26.97 -7.58
C ALA A 211 -15.47 -25.82 -7.32
N LYS A 212 -15.99 -25.77 -6.10
CA LYS A 212 -16.91 -24.72 -5.66
C LYS A 212 -16.43 -24.28 -4.28
N LEU A 213 -16.14 -25.28 -3.45
CA LEU A 213 -15.37 -25.08 -2.23
C LEU A 213 -14.07 -24.31 -2.53
N LEU A 214 -13.31 -24.80 -3.50
CA LEU A 214 -12.03 -24.19 -3.87
C LEU A 214 -12.18 -22.78 -4.44
N LEU A 215 -13.32 -22.52 -5.08
CA LEU A 215 -13.59 -21.20 -5.65
C LEU A 215 -14.11 -20.17 -4.63
N ARG A 216 -14.16 -20.53 -3.35
CA ARG A 216 -14.39 -19.55 -2.30
C ARG A 216 -13.10 -18.90 -1.82
N LEU A 217 -11.96 -19.56 -2.09
CA LEU A 217 -10.66 -19.10 -1.61
C LEU A 217 -10.24 -17.73 -2.15
N PRO A 218 -10.48 -17.46 -3.45
CA PRO A 218 -10.22 -16.11 -3.95
C PRO A 218 -10.95 -15.03 -3.17
N ALA A 219 -12.21 -15.28 -2.80
CA ALA A 219 -12.99 -14.34 -1.99
C ALA A 219 -12.45 -14.23 -0.57
N LEU A 220 -12.04 -15.36 0.00
CA LEU A 220 -11.42 -15.39 1.33
C LEU A 220 -10.10 -14.62 1.36
N ARG A 221 -9.36 -14.69 0.25
CA ARG A 221 -8.10 -13.96 0.09
C ARG A 221 -8.36 -12.46 0.07
N SER A 222 -9.33 -12.04 -0.74
CA SER A 222 -9.69 -10.63 -0.92
C SER A 222 -10.15 -10.00 0.38
N ILE A 223 -11.09 -10.67 1.05
CA ILE A 223 -11.67 -10.21 2.30
C ILE A 223 -10.61 -10.19 3.41
N GLY A 224 -9.75 -11.20 3.40
CA GLY A 224 -8.64 -11.29 4.37
C GLY A 224 -7.76 -10.06 4.34
N LEU A 225 -7.32 -9.68 3.14
CA LEU A 225 -6.53 -8.46 2.95
C LEU A 225 -7.22 -7.25 3.55
N LYS A 226 -8.51 -7.07 3.25
CA LYS A 226 -9.27 -5.92 3.72
C LYS A 226 -9.30 -5.79 5.24
N CYS A 227 -9.33 -6.90 5.95
CA CYS A 227 -9.33 -6.89 7.41
C CYS A 227 -7.97 -6.44 7.99
N LEU A 228 -6.90 -6.66 7.24
CA LEU A 228 -5.56 -6.27 7.68
C LEU A 228 -5.25 -4.78 7.48
N GLU A 229 -6.12 -4.06 6.79
CA GLU A 229 -5.93 -2.62 6.59
C GLU A 229 -5.99 -1.91 7.93
N HIS A 230 -5.13 -0.90 8.11
CA HIS A 230 -5.00 -0.23 9.41
C HIS A 230 -6.27 0.54 9.80
N LEU A 231 -6.94 1.17 8.84
CA LEU A 231 -8.20 1.87 9.09
C LEU A 231 -9.21 0.95 9.76
N PHE A 232 -9.33 -0.27 9.22
CA PHE A 232 -10.20 -1.29 9.79
C PHE A 232 -9.96 -1.43 11.30
N PHE A 233 -8.71 -1.66 11.67
CA PHE A 233 -8.35 -1.84 13.08
C PHE A 233 -8.65 -0.61 13.97
N PHE A 234 -8.56 0.59 13.40
CA PHE A 234 -8.82 1.82 14.16
C PHE A 234 -10.30 2.19 14.18
N LYS A 235 -11.02 1.84 13.11
CA LYS A 235 -12.47 2.02 13.08
C LYS A 235 -13.16 1.11 14.10
N LEU A 236 -12.59 -0.07 14.31
CA LEU A 236 -13.10 -1.01 15.31
C LEU A 236 -12.98 -0.46 16.74
N ILE A 237 -12.00 0.40 16.97
CA ILE A 237 -11.82 1.06 18.26
C ILE A 237 -12.87 2.18 18.44
N GLY A 238 -12.59 3.37 17.90
CA GLY A 238 -13.58 4.46 17.91
C GLY A 238 -13.14 5.75 18.59
N ASP A 239 -13.73 6.04 19.76
CA ASP A 239 -13.55 7.34 20.43
C ASP A 239 -12.10 7.62 20.82
N THR A 240 -11.70 7.27 22.04
CA THR A 240 -10.33 7.50 22.54
C THR A 240 -9.64 8.65 21.80
N PRO A 241 -9.92 9.90 22.20
CA PRO A 241 -10.20 10.53 23.48
C PRO A 241 -9.99 9.66 24.73
N ILE A 242 -8.74 9.22 24.87
CA ILE A 242 -8.27 8.46 26.03
C ILE A 242 -7.18 9.29 26.72
N ASP A 243 -7.43 10.59 26.82
CA ASP A 243 -6.49 11.53 27.43
C ASP A 243 -6.50 11.42 28.95
N LYS A 244 -5.94 10.32 29.46
CA LYS A 244 -5.78 10.08 30.89
C LYS A 244 -7.12 10.10 31.63
N ASP B 27 -26.68 -22.86 -22.49
CA ASP B 27 -26.41 -23.78 -23.63
C ASP B 27 -25.16 -24.64 -23.33
N ASP B 28 -24.02 -24.35 -23.98
CA ASP B 28 -22.80 -25.14 -23.83
C ASP B 28 -21.64 -24.26 -23.34
N MET B 29 -20.46 -24.86 -23.26
CA MET B 29 -19.23 -24.12 -22.99
C MET B 29 -18.03 -24.89 -23.55
N PRO B 30 -17.87 -24.88 -24.89
CA PRO B 30 -16.81 -25.63 -25.55
C PRO B 30 -15.43 -25.00 -25.37
N VAL B 31 -14.52 -25.76 -24.78
CA VAL B 31 -13.18 -25.26 -24.46
C VAL B 31 -12.34 -24.91 -25.69
N ASP B 32 -12.62 -25.55 -26.82
CA ASP B 32 -11.91 -25.25 -28.06
C ASP B 32 -12.22 -23.83 -28.55
N LYS B 33 -13.43 -23.35 -28.28
CA LYS B 33 -13.82 -21.98 -28.63
C LYS B 33 -13.21 -20.98 -27.64
N ILE B 34 -13.00 -21.42 -26.40
CA ILE B 34 -12.23 -20.66 -25.42
C ILE B 34 -10.78 -20.54 -25.87
N LEU B 35 -10.25 -21.60 -26.48
CA LEU B 35 -8.91 -21.59 -27.05
C LEU B 35 -8.84 -20.60 -28.22
N GLU B 36 -9.87 -20.62 -29.07
CA GLU B 36 -9.97 -19.67 -30.18
C GLU B 36 -9.84 -18.24 -29.68
N ALA B 37 -10.64 -17.88 -28.67
CA ALA B 37 -10.57 -16.55 -28.07
C ALA B 37 -9.14 -16.15 -27.71
N GLU B 38 -8.40 -17.08 -27.10
CA GLU B 38 -7.02 -16.81 -26.66
C GLU B 38 -6.03 -16.66 -27.81
N LEU B 39 -6.17 -17.47 -28.85
CA LEU B 39 -5.28 -17.39 -30.01
C LEU B 39 -5.55 -16.15 -30.86
N ILE B 40 -6.83 -15.85 -31.10
CA ILE B 40 -7.21 -14.57 -31.71
C ILE B 40 -7.06 -13.51 -30.62
N SER B 41 -5.82 -13.03 -30.46
CA SER B 41 -5.41 -12.17 -29.34
C SER B 41 -3.89 -12.16 -29.16
N ASP B 42 -3.24 -13.28 -29.51
CA ASP B 42 -1.78 -13.41 -29.49
C ASP B 42 -1.22 -13.24 -28.08
N CYS B 64 1.20 5.29 -22.49
CA CYS B 64 0.43 6.04 -23.47
C CYS B 64 -0.98 5.46 -23.62
N LYS B 65 -1.89 6.27 -24.15
CA LYS B 65 -3.26 5.81 -24.41
C LYS B 65 -3.35 4.92 -25.65
N ALA B 66 -2.21 4.60 -26.26
CA ALA B 66 -2.13 3.54 -27.26
C ALA B 66 -2.46 2.17 -26.66
N ALA B 67 -2.46 2.08 -25.33
CA ALA B 67 -2.94 0.89 -24.62
C ALA B 67 -4.47 0.78 -24.60
N ASP B 68 -5.15 1.58 -25.42
CA ASP B 68 -6.55 1.32 -25.78
C ASP B 68 -6.60 0.07 -26.65
N ARG B 69 -5.52 -0.17 -27.41
CA ARG B 69 -5.35 -1.40 -28.19
C ARG B 69 -5.02 -2.59 -27.28
N GLN B 70 -5.83 -2.77 -26.24
CA GLN B 70 -5.68 -3.87 -25.29
C GLN B 70 -6.94 -3.97 -24.43
N LEU B 71 -7.52 -2.82 -24.08
CA LEU B 71 -8.91 -2.75 -23.66
C LEU B 71 -9.79 -3.25 -24.80
N VAL B 72 -9.44 -2.87 -26.03
CA VAL B 72 -10.07 -3.41 -27.23
C VAL B 72 -9.82 -4.92 -27.33
N THR B 73 -8.56 -5.32 -27.24
CA THR B 73 -8.19 -6.75 -27.25
C THR B 73 -8.92 -7.55 -26.18
N LEU B 74 -9.18 -6.93 -25.03
CA LEU B 74 -9.90 -7.57 -23.93
C LEU B 74 -11.37 -7.79 -24.28
N VAL B 75 -12.05 -6.74 -24.74
CA VAL B 75 -13.47 -6.84 -25.09
C VAL B 75 -13.70 -7.76 -26.30
N GLU B 76 -12.69 -7.88 -27.16
CA GLU B 76 -12.72 -8.83 -28.27
C GLU B 76 -12.68 -10.26 -27.74
N TRP B 77 -11.67 -10.56 -26.92
CA TRP B 77 -11.57 -11.86 -26.25
C TRP B 77 -12.84 -12.16 -25.45
N ALA B 78 -13.29 -11.17 -24.68
CA ALA B 78 -14.50 -11.32 -23.86
C ALA B 78 -15.71 -11.64 -24.72
N LYS B 79 -15.90 -10.87 -25.79
CA LYS B 79 -16.99 -11.10 -26.74
C LYS B 79 -16.90 -12.49 -27.41
N ARG B 80 -15.67 -12.97 -27.59
CA ARG B 80 -15.44 -14.28 -28.22
C ARG B 80 -15.61 -15.46 -27.25
N ILE B 81 -16.07 -15.19 -26.02
CA ILE B 81 -16.40 -16.24 -25.04
C ILE B 81 -17.89 -16.58 -25.14
N PRO B 82 -18.24 -17.88 -25.12
CA PRO B 82 -19.65 -18.29 -25.16
C PRO B 82 -20.50 -17.66 -24.07
N HIS B 83 -21.69 -17.20 -24.45
CA HIS B 83 -22.70 -16.68 -23.51
C HIS B 83 -22.39 -15.30 -22.90
N PHE B 84 -21.21 -14.75 -23.18
CA PHE B 84 -20.85 -13.43 -22.66
C PHE B 84 -21.62 -12.35 -23.41
N SER B 85 -21.45 -12.33 -24.73
CA SER B 85 -22.15 -11.38 -25.59
C SER B 85 -23.65 -11.58 -25.53
N SER B 86 -24.07 -12.85 -25.37
CA SER B 86 -25.48 -13.18 -25.17
C SER B 86 -25.87 -12.99 -23.71
N LEU B 87 -25.79 -11.73 -23.26
CA LEU B 87 -26.09 -11.37 -21.87
C LEU B 87 -26.26 -9.87 -21.74
N PRO B 88 -26.99 -9.41 -20.70
CA PRO B 88 -27.25 -7.98 -20.52
C PRO B 88 -25.99 -7.12 -20.66
N LEU B 89 -26.11 -5.98 -21.33
CA LEU B 89 -24.98 -5.06 -21.50
C LEU B 89 -24.53 -4.50 -20.14
N GLU B 90 -25.48 -4.33 -19.23
CA GLU B 90 -25.20 -3.91 -17.85
C GLU B 90 -24.25 -4.91 -17.18
N ASP B 91 -24.69 -6.16 -17.08
CA ASP B 91 -23.88 -7.23 -16.49
C ASP B 91 -22.64 -7.53 -17.32
N GLN B 92 -22.76 -7.40 -18.64
CA GLN B 92 -21.64 -7.59 -19.56
C GLN B 92 -20.53 -6.57 -19.40
N VAL B 93 -20.84 -5.40 -18.83
CA VAL B 93 -19.86 -4.35 -18.58
C VAL B 93 -19.44 -4.27 -17.10
N ILE B 94 -20.34 -4.64 -16.19
CA ILE B 94 -19.99 -4.74 -14.77
C ILE B 94 -18.86 -5.76 -14.57
N LEU B 95 -18.96 -6.90 -15.25
CA LEU B 95 -17.92 -7.93 -15.22
C LEU B 95 -16.58 -7.36 -15.71
N LEU B 96 -16.63 -6.52 -16.74
CA LEU B 96 -15.42 -5.89 -17.27
C LEU B 96 -14.82 -4.89 -16.27
N ARG B 97 -15.66 -4.04 -15.67
CA ARG B 97 -15.21 -3.12 -14.62
C ARG B 97 -14.52 -3.86 -13.48
N ALA B 98 -15.04 -5.05 -13.15
CA ALA B 98 -14.59 -5.81 -12.00
C ALA B 98 -13.31 -6.61 -12.25
N GLY B 99 -13.26 -7.30 -13.39
CA GLY B 99 -12.21 -8.29 -13.64
C GLY B 99 -11.15 -7.95 -14.67
N TRP B 100 -11.23 -6.77 -15.28
CA TRP B 100 -10.28 -6.40 -16.34
C TRP B 100 -8.83 -6.49 -15.87
N ASN B 101 -8.59 -6.12 -14.61
CA ASN B 101 -7.24 -6.06 -14.05
C ASN B 101 -6.63 -7.46 -13.92
N GLU B 102 -7.38 -8.37 -13.31
CA GLU B 102 -6.95 -9.77 -13.20
C GLU B 102 -6.79 -10.41 -14.57
N LEU B 103 -7.78 -10.19 -15.43
CA LEU B 103 -7.77 -10.71 -16.79
C LEU B 103 -6.47 -10.38 -17.54
N LEU B 104 -6.02 -9.13 -17.41
CA LEU B 104 -4.77 -8.69 -18.03
C LEU B 104 -3.54 -9.33 -17.40
N ILE B 105 -3.55 -9.48 -16.08
CA ILE B 105 -2.40 -10.04 -15.37
C ILE B 105 -2.19 -11.51 -15.73
N ALA B 106 -3.28 -12.28 -15.71
CA ALA B 106 -3.23 -13.68 -16.10
C ALA B 106 -2.66 -13.87 -17.51
N SER B 107 -2.94 -12.93 -18.40
CA SER B 107 -2.41 -12.94 -19.76
C SER B 107 -0.89 -12.72 -19.80
N PHE B 108 -0.44 -11.54 -19.34
CA PHE B 108 0.98 -11.20 -19.46
C PHE B 108 1.89 -12.01 -18.54
N SER B 109 1.31 -12.61 -17.51
CA SER B 109 2.04 -13.55 -16.65
C SER B 109 2.32 -14.82 -17.45
N HIS B 110 1.31 -15.30 -18.18
CA HIS B 110 1.49 -16.45 -19.07
C HIS B 110 2.32 -16.09 -20.31
N ARG B 111 2.10 -14.88 -20.84
CA ARG B 111 2.83 -14.41 -22.02
C ARG B 111 4.35 -14.37 -21.78
N SER B 112 4.75 -14.31 -20.52
CA SER B 112 6.15 -14.49 -20.13
C SER B 112 6.54 -15.97 -20.27
N ILE B 113 6.94 -16.63 -19.18
CA ILE B 113 7.36 -18.04 -19.20
C ILE B 113 8.59 -18.22 -20.09
N ASP B 114 8.41 -18.08 -21.41
CA ASP B 114 9.50 -18.18 -22.37
C ASP B 114 10.38 -16.92 -22.30
N VAL B 115 10.98 -16.70 -21.13
CA VAL B 115 11.72 -15.47 -20.84
C VAL B 115 12.41 -15.57 -19.49
N LYS B 116 13.53 -14.87 -19.33
CA LYS B 116 14.27 -14.86 -18.06
C LYS B 116 13.62 -13.90 -17.06
N ASP B 117 14.41 -13.02 -16.45
CA ASP B 117 13.90 -12.11 -15.42
C ASP B 117 13.24 -10.89 -16.04
N SER B 118 12.08 -11.10 -16.66
CA SER B 118 11.35 -10.04 -17.35
C SER B 118 9.89 -10.45 -17.62
N ILE B 119 9.07 -9.46 -17.95
CA ILE B 119 7.67 -9.72 -18.33
C ILE B 119 7.43 -9.19 -19.75
N LEU B 120 6.87 -10.06 -20.60
CA LEU B 120 6.66 -9.75 -22.00
C LEU B 120 5.21 -9.31 -22.20
N LEU B 121 5.00 -8.32 -23.07
CA LEU B 121 3.67 -7.74 -23.30
C LEU B 121 3.21 -7.94 -24.74
N ALA B 122 2.06 -7.35 -25.08
CA ALA B 122 1.48 -7.45 -26.43
C ALA B 122 2.15 -6.54 -27.47
N SER B 123 3.18 -5.80 -27.06
CA SER B 123 3.98 -4.99 -27.96
C SER B 123 5.33 -5.64 -28.25
N GLY B 124 5.59 -6.79 -27.62
CA GLY B 124 6.90 -7.44 -27.69
C GLY B 124 7.93 -6.78 -26.80
N LEU B 125 7.56 -5.69 -26.13
CA LEU B 125 8.46 -4.94 -25.27
C LEU B 125 8.63 -5.66 -23.95
N HIS B 126 9.89 -5.89 -23.56
CA HIS B 126 10.22 -6.57 -22.32
C HIS B 126 10.43 -5.55 -21.19
N VAL B 127 9.49 -5.50 -20.25
CA VAL B 127 9.69 -4.73 -19.03
C VAL B 127 10.55 -5.57 -18.11
N HIS B 128 11.68 -5.00 -17.68
CA HIS B 128 12.68 -5.75 -16.94
C HIS B 128 12.46 -5.70 -15.43
N ARG B 129 12.86 -6.78 -14.76
CA ARG B 129 12.98 -6.81 -13.30
C ARG B 129 13.97 -5.74 -12.84
N HIS B 130 14.97 -5.50 -13.68
CA HIS B 130 16.02 -4.52 -13.42
C HIS B 130 15.52 -3.09 -13.70
N SER B 131 14.28 -2.98 -14.19
CA SER B 131 13.63 -1.70 -14.48
C SER B 131 12.40 -1.47 -13.59
N ALA B 132 11.64 -2.53 -13.31
CA ALA B 132 10.45 -2.45 -12.46
C ALA B 132 10.77 -2.02 -11.03
N HIS B 133 11.91 -2.46 -10.51
CA HIS B 133 12.39 -2.01 -9.21
C HIS B 133 12.78 -0.53 -9.27
N GLN B 134 13.40 -0.13 -10.37
CA GLN B 134 13.77 1.26 -10.59
C GLN B 134 12.55 2.13 -10.90
N ALA B 135 11.42 1.49 -11.23
CA ALA B 135 10.15 2.18 -11.46
C ALA B 135 9.24 2.17 -10.23
N GLY B 136 9.74 1.66 -9.11
CA GLY B 136 8.99 1.68 -7.86
C GLY B 136 7.94 0.61 -7.67
N VAL B 137 7.96 -0.42 -8.52
CA VAL B 137 7.01 -1.54 -8.43
C VAL B 137 7.72 -2.90 -8.48
N GLY B 138 8.90 -2.96 -7.88
CA GLY B 138 9.72 -4.16 -7.89
C GLY B 138 9.12 -5.34 -7.15
N PRO B 139 8.76 -5.14 -5.87
CA PRO B 139 8.12 -6.20 -5.08
C PRO B 139 6.89 -6.86 -5.72
N ILE B 140 6.08 -6.10 -6.46
CA ILE B 140 4.89 -6.68 -7.13
C ILE B 140 5.36 -7.51 -8.31
N PHE B 141 6.24 -6.93 -9.12
CA PHE B 141 6.85 -7.59 -10.27
C PHE B 141 7.38 -8.97 -9.89
N ASP B 142 8.20 -9.03 -8.84
CA ASP B 142 8.77 -10.29 -8.36
C ASP B 142 7.67 -11.28 -7.96
N ARG B 143 6.57 -10.76 -7.42
CA ARG B 143 5.43 -11.57 -7.02
C ARG B 143 4.70 -12.14 -8.23
N VAL B 144 4.50 -11.29 -9.25
CA VAL B 144 3.89 -11.73 -10.51
C VAL B 144 4.71 -12.86 -11.09
N LEU B 145 6.02 -12.63 -11.21
CA LEU B 145 6.96 -13.66 -11.71
C LEU B 145 6.91 -14.94 -10.88
N THR B 146 7.12 -14.82 -9.57
CA THR B 146 7.24 -16.00 -8.72
C THR B 146 5.94 -16.77 -8.54
N GLU B 147 4.84 -16.08 -8.22
CA GLU B 147 3.57 -16.73 -7.88
C GLU B 147 2.72 -17.15 -9.09
N LEU B 148 2.99 -16.57 -10.27
CA LEU B 148 2.20 -16.88 -11.46
C LEU B 148 3.05 -17.42 -12.61
N VAL B 149 4.02 -16.62 -13.07
CA VAL B 149 4.87 -17.01 -14.21
C VAL B 149 5.60 -18.32 -13.93
N SER B 150 6.38 -18.33 -12.86
CA SER B 150 7.17 -19.50 -12.47
C SER B 150 6.33 -20.77 -12.27
N LYS B 151 5.07 -20.60 -11.89
CA LYS B 151 4.18 -21.75 -11.67
C LYS B 151 3.44 -22.17 -12.94
N MET B 152 3.16 -21.21 -13.82
CA MET B 152 2.66 -21.53 -15.16
C MET B 152 3.74 -22.25 -15.97
N ARG B 153 4.99 -21.94 -15.68
CA ARG B 153 6.13 -22.58 -16.30
C ARG B 153 6.34 -24.00 -15.79
N ASP B 154 6.47 -24.14 -14.47
CA ASP B 154 6.76 -25.44 -13.83
C ASP B 154 5.77 -26.53 -14.24
N MET B 155 4.48 -26.21 -14.24
CA MET B 155 3.46 -27.16 -14.64
C MET B 155 3.17 -27.10 -16.15
N MET B 156 3.69 -26.08 -16.82
CA MET B 156 3.52 -25.91 -18.26
C MET B 156 2.03 -25.78 -18.61
N MET B 157 1.39 -24.77 -18.03
CA MET B 157 0.01 -24.42 -18.35
C MET B 157 -0.06 -24.14 -19.85
N ASP B 158 -1.23 -24.35 -20.44
CA ASP B 158 -1.43 -24.08 -21.88
C ASP B 158 -2.49 -22.99 -22.09
N LYS B 159 -2.69 -22.60 -23.35
CA LYS B 159 -3.62 -21.52 -23.70
C LYS B 159 -5.08 -21.86 -23.42
N THR B 160 -5.48 -23.10 -23.66
CA THR B 160 -6.87 -23.52 -23.40
C THR B 160 -7.15 -23.52 -21.89
N GLU B 161 -6.15 -23.93 -21.11
CA GLU B 161 -6.24 -23.88 -19.66
C GLU B 161 -6.26 -22.45 -19.16
N LEU B 162 -5.40 -21.61 -19.74
CA LEU B 162 -5.32 -20.20 -19.40
C LEU B 162 -6.66 -19.50 -19.67
N GLY B 163 -7.19 -19.70 -20.86
CA GLY B 163 -8.44 -19.07 -21.27
C GLY B 163 -9.63 -19.45 -20.42
N CYS B 164 -9.60 -20.67 -19.89
CA CYS B 164 -10.65 -21.14 -18.96
C CYS B 164 -10.59 -20.43 -17.62
N LEU B 165 -9.38 -20.25 -17.09
CA LEU B 165 -9.19 -19.49 -15.86
C LEU B 165 -9.56 -18.03 -16.07
N ARG B 166 -9.21 -17.48 -17.22
CA ARG B 166 -9.61 -16.11 -17.57
C ARG B 166 -11.13 -16.01 -17.66
N ALA B 167 -11.76 -17.06 -18.20
CA ALA B 167 -13.21 -17.13 -18.33
C ALA B 167 -13.90 -17.25 -16.98
N VAL B 168 -13.29 -18.00 -16.06
CA VAL B 168 -13.76 -18.08 -14.66
C VAL B 168 -13.75 -16.70 -14.01
N VAL B 169 -12.68 -15.94 -14.23
CA VAL B 169 -12.55 -14.58 -13.69
C VAL B 169 -13.57 -13.64 -14.33
N LEU B 170 -13.82 -13.82 -15.62
CA LEU B 170 -14.81 -13.01 -16.33
C LEU B 170 -16.19 -13.16 -15.72
N PHE B 171 -16.64 -14.42 -15.56
CA PHE B 171 -17.95 -14.69 -14.97
C PHE B 171 -17.87 -14.71 -13.45
N ASN B 172 -17.63 -13.53 -12.86
CA ASN B 172 -17.52 -13.37 -11.42
C ASN B 172 -18.90 -13.19 -10.79
N PRO B 173 -19.35 -14.17 -9.98
CA PRO B 173 -20.67 -14.07 -9.35
C PRO B 173 -20.71 -13.17 -8.11
N ASP B 174 -19.54 -12.84 -7.57
CA ASP B 174 -19.44 -11.99 -6.38
C ASP B 174 -19.63 -10.50 -6.73
N VAL B 175 -19.70 -10.21 -8.02
CA VAL B 175 -19.97 -8.87 -8.56
C VAL B 175 -21.04 -8.07 -7.79
N LYS B 176 -20.87 -6.75 -7.78
CA LYS B 176 -21.71 -5.83 -7.01
C LYS B 176 -23.22 -6.00 -7.22
N ASN B 177 -23.72 -5.55 -8.36
CA ASN B 177 -25.16 -5.63 -8.66
C ASN B 177 -25.43 -6.30 -10.02
N PRO B 178 -25.46 -7.64 -10.04
CA PRO B 178 -25.83 -8.34 -11.26
C PRO B 178 -27.35 -8.33 -11.48
N SER B 179 -27.77 -8.62 -12.72
CA SER B 179 -29.18 -8.80 -13.04
C SER B 179 -29.49 -10.27 -12.88
N ASP B 180 -29.50 -10.72 -11.62
CA ASP B 180 -29.57 -12.15 -11.31
C ASP B 180 -28.18 -12.74 -11.45
N SER B 181 -27.52 -12.99 -10.32
CA SER B 181 -26.17 -13.57 -10.31
C SER B 181 -26.17 -15.04 -10.74
N ALA B 182 -27.32 -15.71 -10.60
CA ALA B 182 -27.48 -17.12 -10.96
C ALA B 182 -26.91 -17.48 -12.33
N HIS B 183 -27.14 -16.62 -13.32
CA HIS B 183 -26.62 -16.86 -14.67
C HIS B 183 -25.10 -16.78 -14.68
N ILE B 184 -24.56 -15.67 -14.16
CA ILE B 184 -23.12 -15.47 -14.08
C ILE B 184 -22.47 -16.64 -13.32
N GLU B 185 -23.13 -17.08 -12.27
CA GLU B 185 -22.67 -18.23 -11.49
C GLU B 185 -22.69 -19.52 -12.30
N SER B 186 -23.81 -19.79 -12.96
CA SER B 186 -23.96 -21.01 -13.74
C SER B 186 -22.96 -21.09 -14.90
N LEU B 187 -22.71 -19.96 -15.54
CA LEU B 187 -21.73 -19.89 -16.64
C LEU B 187 -20.33 -20.25 -16.16
N ARG B 188 -19.95 -19.72 -15.00
CA ARG B 188 -18.71 -20.10 -14.33
C ARG B 188 -18.66 -21.62 -14.12
N GLU B 189 -19.77 -22.18 -13.63
CA GLU B 189 -19.88 -23.62 -13.40
C GLU B 189 -19.67 -24.44 -14.67
N LYS B 190 -20.21 -23.96 -15.78
CA LYS B 190 -20.08 -24.65 -17.06
C LYS B 190 -18.65 -24.54 -17.62
N VAL B 191 -17.95 -23.47 -17.26
CA VAL B 191 -16.58 -23.23 -17.74
C VAL B 191 -15.56 -24.15 -17.06
N TYR B 192 -15.60 -24.22 -15.73
CA TYR B 192 -14.65 -25.09 -15.01
C TYR B 192 -15.09 -26.57 -15.04
N ALA B 193 -16.34 -26.82 -15.42
CA ALA B 193 -16.78 -28.18 -15.72
C ALA B 193 -16.03 -28.71 -16.95
N SER B 194 -15.84 -27.83 -17.93
CA SER B 194 -15.09 -28.16 -19.15
C SER B 194 -13.59 -28.19 -18.90
N LEU B 195 -13.10 -27.27 -18.07
CA LEU B 195 -11.66 -27.19 -17.75
C LEU B 195 -11.20 -28.46 -17.02
N GLU B 196 -12.07 -29.03 -16.19
CA GLU B 196 -11.80 -30.31 -15.56
C GLU B 196 -11.78 -31.43 -16.60
N ALA B 197 -12.81 -31.47 -17.43
CA ALA B 197 -12.92 -32.47 -18.50
C ALA B 197 -11.68 -32.42 -19.41
N TYR B 198 -11.34 -31.22 -19.88
CA TYR B 198 -10.16 -31.02 -20.71
C TYR B 198 -8.92 -31.60 -20.02
N CYS B 199 -8.69 -31.18 -18.78
CA CYS B 199 -7.48 -31.55 -18.04
C CYS B 199 -7.37 -33.05 -17.76
N ARG B 200 -8.51 -33.74 -17.69
CA ARG B 200 -8.50 -35.20 -17.52
C ARG B 200 -7.97 -35.88 -18.77
N SER B 201 -8.63 -35.64 -19.91
CA SER B 201 -8.28 -36.29 -21.16
C SER B 201 -6.89 -35.87 -21.66
N LYS B 202 -6.63 -34.58 -21.63
CA LYS B 202 -5.35 -34.04 -22.09
C LYS B 202 -4.20 -34.43 -21.17
N TYR B 203 -4.44 -34.44 -19.86
CA TYR B 203 -3.41 -34.74 -18.86
C TYR B 203 -3.88 -35.78 -17.82
N PRO B 204 -4.03 -37.04 -18.25
CA PRO B 204 -4.57 -38.08 -17.36
C PRO B 204 -3.56 -38.61 -16.33
N ASP B 205 -2.28 -38.35 -16.53
CA ASP B 205 -1.23 -38.78 -15.59
C ASP B 205 -1.10 -37.84 -14.38
N GLN B 206 -1.88 -36.75 -14.38
CA GLN B 206 -1.85 -35.77 -13.30
C GLN B 206 -3.29 -35.38 -12.92
N PRO B 207 -3.88 -36.14 -11.98
CA PRO B 207 -5.31 -36.00 -11.66
C PRO B 207 -5.68 -34.71 -10.96
N GLY B 208 -4.83 -34.23 -10.05
CA GLY B 208 -5.08 -32.98 -9.32
C GLY B 208 -4.62 -31.73 -10.05
N ARG B 209 -4.50 -31.81 -11.38
CA ARG B 209 -4.08 -30.69 -12.21
C ARG B 209 -5.18 -29.63 -12.27
N PHE B 210 -6.43 -30.08 -12.40
CA PHE B 210 -7.60 -29.20 -12.36
C PHE B 210 -7.72 -28.44 -11.02
N ALA B 211 -7.27 -29.07 -9.93
CA ALA B 211 -7.30 -28.45 -8.61
C ALA B 211 -6.44 -27.19 -8.55
N LYS B 212 -5.21 -27.27 -9.08
CA LYS B 212 -4.46 -26.05 -9.38
C LYS B 212 -5.03 -25.52 -10.68
N LEU B 213 -4.50 -24.40 -11.18
CA LEU B 213 -5.23 -23.59 -12.15
C LEU B 213 -6.27 -22.80 -11.37
N LEU B 214 -7.20 -23.51 -10.73
CA LEU B 214 -8.18 -22.89 -9.83
C LEU B 214 -7.48 -22.33 -8.60
N LEU B 215 -6.61 -23.13 -8.00
CA LEU B 215 -5.86 -22.68 -6.83
C LEU B 215 -4.75 -21.70 -7.19
N ARG B 216 -4.75 -21.22 -8.44
CA ARG B 216 -3.90 -20.12 -8.88
C ARG B 216 -4.69 -18.80 -8.88
N LEU B 217 -5.99 -18.88 -8.64
CA LEU B 217 -6.87 -17.70 -8.65
C LEU B 217 -6.77 -16.84 -7.38
N PRO B 218 -6.66 -17.48 -6.19
CA PRO B 218 -6.37 -16.66 -5.01
C PRO B 218 -5.12 -15.79 -5.20
N ALA B 219 -4.03 -16.40 -5.66
CA ALA B 219 -2.80 -15.65 -5.94
C ALA B 219 -3.02 -14.57 -7.00
N LEU B 220 -3.84 -14.88 -8.00
CA LEU B 220 -4.20 -13.91 -9.04
C LEU B 220 -4.97 -12.72 -8.46
N ARG B 221 -5.75 -12.96 -7.41
CA ARG B 221 -6.51 -11.89 -6.78
C ARG B 221 -5.62 -10.95 -5.97
N SER B 222 -4.93 -11.52 -4.99
CA SER B 222 -3.99 -10.78 -4.17
C SER B 222 -3.08 -9.90 -5.02
N ILE B 223 -2.60 -10.44 -6.14
CA ILE B 223 -1.79 -9.70 -7.10
C ILE B 223 -2.62 -8.66 -7.84
N GLY B 224 -3.83 -9.02 -8.24
CA GLY B 224 -4.76 -8.08 -8.88
C GLY B 224 -5.01 -6.84 -8.03
N LEU B 225 -5.40 -7.07 -6.77
CA LEU B 225 -5.56 -6.01 -5.79
C LEU B 225 -4.31 -5.14 -5.68
N LYS B 226 -3.15 -5.80 -5.62
CA LYS B 226 -1.89 -5.09 -5.42
C LYS B 226 -1.47 -4.31 -6.68
N CYS B 227 -1.90 -4.77 -7.85
CA CYS B 227 -1.58 -4.08 -9.11
C CYS B 227 -2.40 -2.81 -9.32
N LEU B 228 -3.68 -2.85 -8.95
CA LEU B 228 -4.52 -1.64 -8.94
C LEU B 228 -3.94 -0.58 -8.01
N GLU B 229 -3.66 -0.99 -6.78
CA GLU B 229 -3.06 -0.13 -5.76
C GLU B 229 -1.81 0.56 -6.31
N HIS B 230 -0.90 -0.23 -6.87
CA HIS B 230 0.36 0.28 -7.41
C HIS B 230 0.25 0.86 -8.82
N LEU B 231 -0.92 0.75 -9.44
CA LEU B 231 -1.12 1.09 -10.86
C LEU B 231 -0.06 0.39 -11.72
N PHE B 232 0.14 -0.89 -11.44
CA PHE B 232 1.19 -1.68 -12.08
C PHE B 232 1.03 -1.68 -13.60
N PHE B 233 -0.18 -1.96 -14.06
CA PHE B 233 -0.46 -2.06 -15.50
C PHE B 233 0.00 -0.82 -16.28
N PHE B 234 -0.31 0.36 -15.74
CA PHE B 234 0.02 1.63 -16.40
C PHE B 234 1.52 1.91 -16.35
N LYS B 235 2.20 1.38 -15.34
CA LYS B 235 3.63 1.61 -15.16
C LYS B 235 4.51 0.73 -16.04
N LEU B 236 3.97 -0.37 -16.58
CA LEU B 236 4.75 -1.24 -17.47
C LEU B 236 4.45 -1.01 -18.97
N ILE B 237 3.45 -0.18 -19.26
CA ILE B 237 3.21 0.29 -20.63
C ILE B 237 3.76 1.70 -20.85
N GLY B 238 4.08 2.39 -19.75
CA GLY B 238 4.69 3.73 -19.82
C GLY B 238 6.18 3.75 -19.49
N ASP B 239 6.73 2.59 -19.11
CA ASP B 239 8.15 2.50 -18.75
C ASP B 239 9.05 2.82 -19.93
N THR B 240 8.80 2.18 -21.07
CA THR B 240 9.59 2.41 -22.28
C THR B 240 9.34 3.80 -22.89
N PRO B 241 8.06 4.22 -23.03
CA PRO B 241 7.78 5.62 -23.34
C PRO B 241 8.40 6.62 -22.35
N ILE B 242 9.69 6.88 -22.52
CA ILE B 242 10.40 7.90 -21.75
C ILE B 242 11.12 8.85 -22.70
N ASP B 243 10.57 10.05 -22.85
CA ASP B 243 11.12 11.06 -23.75
C ASP B 243 12.48 11.58 -23.26
N LYS B 244 13.36 11.89 -24.21
CA LYS B 244 14.66 12.51 -23.91
C LYS B 244 14.62 13.99 -24.28
N PHE B 245 14.63 14.84 -23.23
CA PHE B 245 14.66 16.29 -23.39
C PHE B 245 13.45 16.80 -24.18
N ASN C 26 13.68 31.02 21.59
CA ASN C 26 14.07 32.20 22.42
C ASN C 26 13.86 31.90 23.92
N ASP C 27 13.14 32.78 24.64
CA ASP C 27 12.94 32.61 26.08
C ASP C 27 11.75 31.69 26.40
N ASP C 28 10.82 31.60 25.46
CA ASP C 28 9.59 30.83 25.66
C ASP C 28 9.51 29.57 24.78
N MET C 29 10.68 29.00 24.47
CA MET C 29 10.78 27.68 23.86
C MET C 29 12.23 27.20 24.02
N PRO C 30 12.66 26.98 25.27
CA PRO C 30 14.07 26.69 25.56
C PRO C 30 14.49 25.29 25.14
N VAL C 31 15.74 25.16 24.71
CA VAL C 31 16.27 23.91 24.16
C VAL C 31 16.57 22.89 25.26
N ASP C 32 16.76 23.37 26.50
CA ASP C 32 17.07 22.48 27.63
C ASP C 32 15.84 21.71 28.13
N LYS C 33 14.68 22.36 28.13
CA LYS C 33 13.43 21.70 28.55
C LYS C 33 13.02 20.63 27.53
N ILE C 34 13.21 20.92 26.25
CA ILE C 34 12.96 19.96 25.18
C ILE C 34 13.92 18.78 25.30
N LEU C 35 15.21 19.08 25.48
CA LEU C 35 16.24 18.06 25.66
C LEU C 35 15.96 17.19 26.89
N GLU C 36 15.44 17.82 27.96
CA GLU C 36 15.09 17.09 29.18
C GLU C 36 13.88 16.20 28.96
N ALA C 37 12.86 16.71 28.26
CA ALA C 37 11.70 15.92 27.89
C ALA C 37 12.14 14.69 27.11
N GLU C 38 13.01 14.92 26.11
CA GLU C 38 13.55 13.85 25.27
C GLU C 38 14.38 12.84 26.07
N LEU C 39 15.05 13.32 27.11
CA LEU C 39 15.95 12.49 27.93
C LEU C 39 15.16 11.62 28.89
N ILE C 40 14.09 12.17 29.46
CA ILE C 40 13.24 11.45 30.41
C ILE C 40 12.51 10.30 29.71
N SER C 41 12.01 10.55 28.50
CA SER C 41 11.41 9.52 27.67
C SER C 41 12.51 8.63 27.08
N ASP C 42 12.45 7.34 27.39
CA ASP C 42 13.47 6.37 26.94
C ASP C 42 14.85 6.70 27.50
N PRO C 43 15.11 6.33 28.77
CA PRO C 43 16.43 6.48 29.37
C PRO C 43 17.49 5.59 28.71
N ASN C 62 -3.05 -10.20 21.27
CA ASN C 62 -2.05 -10.66 22.24
C ASN C 62 -1.72 -9.56 23.25
N ILE C 63 -0.85 -9.87 24.22
CA ILE C 63 -0.40 -8.88 25.21
C ILE C 63 0.77 -8.06 24.69
N CYS C 64 0.56 -7.35 23.58
CA CYS C 64 1.55 -6.39 23.07
C CYS C 64 1.25 -5.04 23.72
N LYS C 65 1.30 -5.01 25.05
CA LYS C 65 1.04 -3.80 25.82
C LYS C 65 2.36 -3.05 26.11
N ALA C 66 3.39 -3.40 25.35
CA ALA C 66 4.54 -2.53 25.19
C ALA C 66 4.13 -1.29 24.38
N ALA C 67 3.05 -1.43 23.60
CA ALA C 67 2.44 -0.29 22.89
C ALA C 67 1.83 0.73 23.85
N ASP C 68 1.47 0.29 25.05
CA ASP C 68 1.00 1.20 26.10
C ASP C 68 2.18 1.84 26.84
N ARG C 69 3.28 1.10 26.95
CA ARG C 69 4.52 1.62 27.53
C ARG C 69 5.29 2.54 26.56
N GLN C 70 4.68 2.89 25.44
CA GLN C 70 5.20 3.91 24.53
C GLN C 70 4.18 5.01 24.25
N LEU C 71 2.89 4.67 24.23
CA LEU C 71 1.82 5.65 24.14
C LEU C 71 1.76 6.53 25.40
N VAL C 72 2.07 5.96 26.56
CA VAL C 72 2.14 6.72 27.81
C VAL C 72 3.36 7.64 27.82
N THR C 73 4.49 7.13 27.34
CA THR C 73 5.73 7.92 27.26
C THR C 73 5.54 9.11 26.32
N LEU C 74 4.80 8.90 25.24
CA LEU C 74 4.57 9.93 24.23
C LEU C 74 3.72 11.07 24.80
N VAL C 75 2.72 10.74 25.61
CA VAL C 75 1.85 11.75 26.22
C VAL C 75 2.59 12.47 27.36
N GLU C 76 3.38 11.72 28.12
CA GLU C 76 4.26 12.31 29.13
C GLU C 76 5.26 13.26 28.48
N TRP C 77 5.85 12.82 27.37
CA TRP C 77 6.81 13.62 26.60
C TRP C 77 6.18 14.91 26.06
N ALA C 78 5.00 14.78 25.45
CA ALA C 78 4.29 15.92 24.88
C ALA C 78 4.02 17.00 25.93
N LYS C 79 3.56 16.57 27.11
CA LYS C 79 3.29 17.49 28.23
C LYS C 79 4.52 18.27 28.68
N ARG C 80 5.70 17.67 28.54
CA ARG C 80 6.96 18.33 28.92
C ARG C 80 7.41 19.39 27.90
N ILE C 81 7.05 19.22 26.63
CA ILE C 81 7.38 20.23 25.62
C ILE C 81 6.63 21.52 25.97
N PRO C 82 7.37 22.63 26.16
CA PRO C 82 6.80 23.92 26.56
C PRO C 82 5.55 24.35 25.78
N HIS C 83 4.57 24.89 26.52
CA HIS C 83 3.33 25.44 25.95
C HIS C 83 2.37 24.40 25.37
N PHE C 84 2.66 23.12 25.54
CA PHE C 84 1.78 22.06 25.04
C PHE C 84 0.61 21.84 26.00
N SER C 85 0.89 21.86 27.30
CA SER C 85 -0.17 21.78 28.30
C SER C 85 -1.03 23.03 28.27
N SER C 86 -0.37 24.19 28.16
CA SER C 86 -1.07 25.47 27.99
C SER C 86 -1.61 25.58 26.58
N LEU C 87 -2.62 24.76 26.28
CA LEU C 87 -3.17 24.62 24.93
C LEU C 87 -4.52 23.92 25.05
N PRO C 88 -5.52 24.33 24.23
CA PRO C 88 -6.82 23.67 24.30
C PRO C 88 -6.74 22.16 24.18
N LEU C 89 -7.42 21.44 25.06
CA LEU C 89 -7.42 19.97 25.05
C LEU C 89 -7.88 19.40 23.71
N GLU C 90 -8.81 20.09 23.06
CA GLU C 90 -9.26 19.75 21.71
C GLU C 90 -8.18 19.92 20.63
N ASP C 91 -7.05 20.50 21.00
CA ASP C 91 -5.85 20.50 20.16
C ASP C 91 -4.81 19.56 20.76
N GLN C 92 -4.54 19.77 22.04
CA GLN C 92 -3.67 18.92 22.86
C GLN C 92 -4.29 17.52 22.97
N VAL C 93 -4.22 16.76 21.88
CA VAL C 93 -4.88 15.45 21.77
C VAL C 93 -5.12 15.06 20.31
N ILE C 94 -5.54 16.03 19.49
CA ILE C 94 -5.80 15.78 18.07
C ILE C 94 -4.52 15.90 17.24
N LEU C 95 -3.53 16.63 17.76
CA LEU C 95 -2.21 16.66 17.14
C LEU C 95 -1.28 15.60 17.76
N LEU C 96 -1.79 14.89 18.77
CA LEU C 96 -1.17 13.64 19.24
C LEU C 96 -1.61 12.50 18.33
N ARG C 97 -2.91 12.44 18.05
CA ARG C 97 -3.47 11.47 17.09
C ARG C 97 -2.95 11.67 15.67
N ALA C 98 -2.53 12.90 15.35
CA ALA C 98 -1.95 13.22 14.05
C ALA C 98 -0.47 12.87 13.96
N GLY C 99 0.24 13.00 15.08
CA GLY C 99 1.71 12.94 15.08
C GLY C 99 2.37 11.70 15.67
N TRP C 100 1.63 10.93 16.47
CA TRP C 100 2.22 9.79 17.20
C TRP C 100 3.06 8.87 16.32
N ASN C 101 2.63 8.67 15.08
CA ASN C 101 3.28 7.73 14.17
C ASN C 101 4.67 8.19 13.73
N GLU C 102 4.77 9.44 13.31
CA GLU C 102 6.06 10.02 12.93
C GLU C 102 6.96 10.25 14.14
N LEU C 103 6.37 10.57 15.28
CA LEU C 103 7.11 10.79 16.51
C LEU C 103 7.87 9.53 16.95
N LEU C 104 7.21 8.37 16.86
CA LEU C 104 7.85 7.10 17.22
C LEU C 104 8.92 6.69 16.21
N ILE C 105 8.70 7.01 14.93
CA ILE C 105 9.67 6.69 13.87
C ILE C 105 10.94 7.51 14.03
N ALA C 106 10.80 8.79 14.33
CA ALA C 106 11.95 9.65 14.59
C ALA C 106 12.69 9.14 15.83
N SER C 107 11.92 8.72 16.82
CA SER C 107 12.48 8.18 18.06
C SER C 107 13.31 6.92 17.79
N PHE C 108 12.67 5.87 17.26
CA PHE C 108 13.38 4.60 17.07
C PHE C 108 14.42 4.64 15.96
N SER C 109 14.33 5.63 15.07
CA SER C 109 15.37 5.85 14.06
C SER C 109 16.63 6.37 14.74
N HIS C 110 16.48 7.39 15.57
CA HIS C 110 17.62 7.94 16.34
C HIS C 110 18.16 6.93 17.34
N ARG C 111 17.25 6.11 17.88
CA ARG C 111 17.61 5.07 18.83
C ARG C 111 18.38 3.92 18.19
N SER C 112 18.46 3.91 16.85
CA SER C 112 19.10 2.84 16.10
C SER C 112 20.38 3.28 15.38
N ILE C 113 21.00 4.36 15.86
CA ILE C 113 22.25 4.84 15.29
C ILE C 113 23.43 3.92 15.69
N ASP C 114 23.33 3.26 16.84
CA ASP C 114 24.42 2.43 17.36
C ASP C 114 24.39 0.99 16.86
N VAL C 115 23.20 0.53 16.43
CA VAL C 115 23.08 -0.74 15.69
C VAL C 115 23.47 -0.50 14.23
N LYS C 116 23.47 -1.55 13.41
CA LYS C 116 23.91 -1.41 12.02
C LYS C 116 22.86 -1.81 10.98
N ASP C 117 22.16 -2.92 11.22
CA ASP C 117 21.11 -3.39 10.32
C ASP C 117 19.85 -3.77 11.09
N SER C 118 19.48 -2.92 12.06
CA SER C 118 18.38 -3.23 12.97
C SER C 118 17.66 -1.97 13.45
N ILE C 119 16.62 -2.16 14.25
CA ILE C 119 15.92 -1.07 14.91
C ILE C 119 15.79 -1.38 16.41
N LEU C 120 16.69 -0.81 17.22
CA LEU C 120 16.56 -0.91 18.67
C LEU C 120 15.36 -0.08 19.09
N LEU C 121 14.51 -0.64 19.94
CA LEU C 121 13.23 -0.03 20.27
C LEU C 121 12.96 0.07 21.77
N ALA C 122 11.92 0.81 22.13
CA ALA C 122 11.49 1.04 23.51
C ALA C 122 12.42 0.49 24.58
N SER C 123 12.29 -0.81 24.83
CA SER C 123 13.19 -1.51 25.75
C SER C 123 13.89 -2.64 25.01
N GLY C 124 15.21 -2.53 24.89
CA GLY C 124 16.06 -3.54 24.25
C GLY C 124 15.51 -4.01 22.91
N LEU C 125 15.60 -5.31 22.66
CA LEU C 125 15.02 -5.95 21.47
C LEU C 125 15.48 -5.36 20.13
N HIS C 126 16.51 -5.96 19.56
CA HIS C 126 16.86 -5.74 18.15
C HIS C 126 15.80 -6.44 17.30
N VAL C 127 15.51 -5.90 16.12
CA VAL C 127 14.50 -6.50 15.23
C VAL C 127 15.08 -7.12 13.96
N HIS C 128 16.19 -6.57 13.47
CA HIS C 128 16.98 -7.15 12.36
C HIS C 128 16.37 -6.95 10.97
N ARG C 129 17.22 -6.51 10.03
CA ARG C 129 16.85 -6.42 8.61
C ARG C 129 16.30 -7.74 8.12
N HIS C 130 17.08 -8.80 8.30
CA HIS C 130 16.76 -10.12 7.78
C HIS C 130 15.76 -10.79 8.73
N SER C 131 14.54 -10.25 8.74
CA SER C 131 13.51 -10.58 9.72
C SER C 131 12.27 -9.72 9.47
N ALA C 132 12.49 -8.43 9.25
CA ALA C 132 11.43 -7.52 8.80
C ALA C 132 11.03 -7.82 7.35
N HIS C 133 11.95 -8.40 6.59
CA HIS C 133 11.64 -8.87 5.23
C HIS C 133 10.82 -10.16 5.26
N GLN C 134 10.94 -10.93 6.34
CA GLN C 134 10.13 -12.12 6.55
C GLN C 134 8.69 -11.73 6.88
N ALA C 135 8.53 -10.62 7.60
CA ALA C 135 7.21 -10.10 7.96
C ALA C 135 6.51 -9.38 6.79
N GLY C 136 7.17 -9.34 5.63
CA GLY C 136 6.59 -8.76 4.42
C GLY C 136 6.62 -7.25 4.42
N VAL C 137 7.34 -6.68 5.37
CA VAL C 137 7.38 -5.24 5.58
C VAL C 137 8.84 -4.76 5.52
N GLY C 138 9.62 -5.42 4.66
CA GLY C 138 11.04 -5.13 4.50
C GLY C 138 11.38 -3.86 3.74
N PRO C 139 10.75 -3.66 2.56
CA PRO C 139 10.97 -2.44 1.78
C PRO C 139 10.87 -1.14 2.58
N ILE C 140 9.86 -1.02 3.45
CA ILE C 140 9.72 0.16 4.30
C ILE C 140 10.79 0.15 5.41
N PHE C 141 11.04 -1.04 5.98
CA PHE C 141 12.16 -1.21 6.92
C PHE C 141 13.48 -0.72 6.32
N ASP C 142 13.70 -1.01 5.03
CA ASP C 142 14.88 -0.53 4.33
C ASP C 142 14.94 0.99 4.35
N ARG C 143 13.98 1.64 3.67
CA ARG C 143 13.96 3.12 3.60
C ARG C 143 13.47 3.73 4.90
N VAL C 144 14.32 3.58 5.91
CA VAL C 144 14.10 4.01 7.29
C VAL C 144 15.50 4.00 7.87
N LEU C 145 16.16 2.85 7.74
CA LEU C 145 17.60 2.74 7.97
C LEU C 145 18.35 3.73 7.09
N THR C 146 18.02 3.75 5.80
CA THR C 146 18.74 4.61 4.84
C THR C 146 18.30 6.08 4.91
N GLU C 147 16.98 6.33 4.85
CA GLU C 147 16.47 7.70 4.79
C GLU C 147 16.45 8.44 6.13
N LEU C 148 16.52 7.72 7.24
CA LEU C 148 16.51 8.36 8.56
C LEU C 148 17.72 7.96 9.40
N VAL C 149 17.83 6.69 9.77
CA VAL C 149 18.91 6.21 10.63
C VAL C 149 20.29 6.58 10.06
N SER C 150 20.49 6.29 8.78
CA SER C 150 21.75 6.59 8.10
C SER C 150 22.01 8.10 8.06
N LYS C 151 21.03 8.86 7.61
CA LYS C 151 21.16 10.31 7.52
C LYS C 151 21.31 10.96 8.90
N MET C 152 20.69 10.37 9.92
CA MET C 152 20.88 10.83 11.30
C MET C 152 22.26 10.43 11.84
N ARG C 153 22.75 9.26 11.42
CA ARG C 153 24.07 8.79 11.83
C ARG C 153 25.19 9.61 11.19
N ASP C 154 25.12 9.77 9.87
CA ASP C 154 26.17 10.46 9.11
C ASP C 154 26.18 11.98 9.35
N MET C 155 25.19 12.46 10.12
CA MET C 155 25.06 13.86 10.49
C MET C 155 25.34 14.07 11.99
N MET C 156 25.42 12.98 12.75
CA MET C 156 25.56 13.03 14.21
C MET C 156 24.47 13.89 14.86
N MET C 157 23.22 13.65 14.47
CA MET C 157 22.08 14.40 15.02
C MET C 157 21.95 14.12 16.51
N ASP C 158 22.05 15.17 17.33
CA ASP C 158 22.01 15.03 18.79
C ASP C 158 20.57 14.98 19.33
N LYS C 159 20.46 14.66 20.61
CA LYS C 159 19.15 14.49 21.27
C LYS C 159 18.35 15.79 21.42
N THR C 160 19.02 16.95 21.36
CA THR C 160 18.30 18.21 21.48
C THR C 160 17.65 18.54 20.14
N GLU C 161 18.38 18.29 19.05
CA GLU C 161 17.84 18.46 17.70
C GLU C 161 16.71 17.49 17.41
N LEU C 162 16.96 16.21 17.68
CA LEU C 162 15.92 15.18 17.61
C LEU C 162 14.65 15.66 18.30
N GLY C 163 14.81 16.15 19.52
CA GLY C 163 13.68 16.65 20.31
C GLY C 163 12.98 17.84 19.70
N CYS C 164 13.76 18.74 19.11
CA CYS C 164 13.22 19.91 18.42
C CYS C 164 12.43 19.52 17.17
N LEU C 165 12.97 18.58 16.39
CA LEU C 165 12.29 18.09 15.20
C LEU C 165 11.00 17.38 15.59
N ARG C 166 11.08 16.53 16.61
CA ARG C 166 9.90 15.85 17.12
C ARG C 166 8.87 16.86 17.63
N ALA C 167 9.36 17.95 18.23
CA ALA C 167 8.48 19.02 18.71
C ALA C 167 7.85 19.81 17.56
N VAL C 168 8.60 20.00 16.48
CA VAL C 168 8.04 20.59 15.25
C VAL C 168 6.94 19.69 14.69
N VAL C 169 7.20 18.39 14.64
CA VAL C 169 6.22 17.41 14.18
C VAL C 169 4.99 17.40 15.09
N LEU C 170 5.21 17.62 16.38
CA LEU C 170 4.12 17.66 17.36
C LEU C 170 3.20 18.86 17.09
N PHE C 171 3.77 20.04 16.96
CA PHE C 171 3.00 21.25 16.67
C PHE C 171 2.70 21.38 15.19
N ASN C 172 1.89 20.46 14.66
CA ASN C 172 1.56 20.41 13.24
C ASN C 172 0.35 21.31 12.92
N PRO C 173 0.59 22.43 12.23
CA PRO C 173 -0.51 23.36 11.96
C PRO C 173 -1.46 22.92 10.84
N ASP C 174 -1.13 21.82 10.17
CA ASP C 174 -1.96 21.30 9.07
C ASP C 174 -3.06 20.34 9.54
N VAL C 175 -3.24 20.21 10.86
CA VAL C 175 -4.35 19.41 11.40
C VAL C 175 -5.69 19.99 10.94
N LYS C 176 -6.66 19.10 10.71
CA LYS C 176 -7.92 19.46 10.05
C LYS C 176 -8.71 20.59 10.74
N ASN C 177 -9.31 20.28 11.88
CA ASN C 177 -10.16 21.25 12.61
C ASN C 177 -9.67 21.46 14.05
N PRO C 178 -8.60 22.25 14.23
CA PRO C 178 -8.10 22.58 15.56
C PRO C 178 -8.84 23.78 16.16
N SER C 179 -8.42 24.19 17.35
CA SER C 179 -9.02 25.32 18.05
C SER C 179 -8.12 26.56 17.96
N ASP C 180 -6.86 26.41 18.35
CA ASP C 180 -5.89 27.50 18.32
C ASP C 180 -5.47 27.85 16.89
N SER C 181 -4.95 26.86 16.17
CA SER C 181 -4.55 26.99 14.76
C SER C 181 -3.33 27.91 14.57
N ALA C 182 -3.49 29.20 14.87
CA ALA C 182 -2.40 30.16 14.78
C ALA C 182 -1.43 30.00 15.95
N HIS C 183 -1.97 29.69 17.13
CA HIS C 183 -1.14 29.43 18.30
C HIS C 183 -0.28 28.20 18.06
N ILE C 184 -0.91 27.11 17.60
CA ILE C 184 -0.20 25.87 17.26
C ILE C 184 0.93 26.14 16.25
N GLU C 185 0.67 27.04 15.31
CA GLU C 185 1.69 27.43 14.34
C GLU C 185 2.82 28.21 15.00
N SER C 186 2.47 29.25 15.76
CA SER C 186 3.48 30.09 16.43
C SER C 186 4.38 29.30 17.36
N LEU C 187 3.84 28.25 17.98
CA LEU C 187 4.63 27.33 18.81
C LEU C 187 5.66 26.61 17.95
N ARG C 188 5.22 26.06 16.83
CA ARG C 188 6.11 25.43 15.84
C ARG C 188 7.20 26.39 15.40
N GLU C 189 6.82 27.65 15.18
CA GLU C 189 7.75 28.68 14.74
C GLU C 189 8.83 28.95 15.79
N LYS C 190 8.42 28.97 17.06
CA LYS C 190 9.35 29.19 18.16
C LYS C 190 10.29 28.01 18.38
N VAL C 191 9.90 26.81 17.96
CA VAL C 191 10.76 25.63 18.07
C VAL C 191 11.94 25.72 17.09
N TYR C 192 11.64 25.92 15.81
CA TYR C 192 12.71 25.95 14.80
C TYR C 192 13.56 27.22 14.84
N ALA C 193 13.01 28.28 15.44
CA ALA C 193 13.79 29.47 15.73
C ALA C 193 14.87 29.14 16.76
N SER C 194 14.46 28.48 17.84
CA SER C 194 15.37 28.03 18.88
C SER C 194 16.35 26.98 18.37
N LEU C 195 15.86 26.12 17.48
CA LEU C 195 16.66 25.02 16.93
C LEU C 195 17.74 25.54 15.97
N GLU C 196 17.40 26.56 15.18
CA GLU C 196 18.39 27.23 14.34
C GLU C 196 19.47 27.86 15.22
N ALA C 197 19.05 28.67 16.18
CA ALA C 197 19.97 29.30 17.13
C ALA C 197 20.88 28.28 17.80
N TYR C 198 20.33 27.12 18.16
CA TYR C 198 21.09 26.03 18.75
C TYR C 198 22.17 25.49 17.81
N CYS C 199 21.79 25.30 16.55
CA CYS C 199 22.71 24.79 15.52
C CYS C 199 23.78 25.81 15.15
N ARG C 200 23.40 27.09 15.19
CA ARG C 200 24.33 28.19 14.93
C ARG C 200 25.39 28.30 16.04
N SER C 201 24.97 28.01 17.27
CA SER C 201 25.85 28.11 18.45
C SER C 201 26.34 26.73 18.89
N LYS C 202 26.74 25.92 17.92
CA LYS C 202 27.33 24.58 18.18
C LYS C 202 28.01 24.05 16.93
N TYR C 203 27.33 24.18 15.79
CA TYR C 203 27.89 23.85 14.49
C TYR C 203 27.96 25.13 13.66
N PRO C 204 28.91 26.04 13.98
CA PRO C 204 29.05 27.28 13.23
C PRO C 204 29.71 27.06 11.87
N ASP C 205 30.54 26.01 11.77
CA ASP C 205 31.19 25.64 10.52
C ASP C 205 30.23 24.95 9.55
N GLN C 206 29.01 24.69 10.01
CA GLN C 206 27.96 24.06 9.20
C GLN C 206 26.77 25.01 9.05
N PRO C 207 26.88 26.01 8.15
CA PRO C 207 25.82 27.01 7.99
C PRO C 207 24.47 26.42 7.54
N GLY C 208 24.52 25.39 6.70
CA GLY C 208 23.31 24.70 6.22
C GLY C 208 22.85 23.54 7.09
N ARG C 209 23.22 23.56 8.37
CA ARG C 209 22.86 22.52 9.33
C ARG C 209 21.37 22.55 9.64
N PHE C 210 20.87 23.75 9.93
CA PHE C 210 19.47 23.96 10.28
C PHE C 210 18.52 23.44 9.20
N ALA C 211 18.81 23.78 7.95
CA ALA C 211 18.01 23.31 6.80
C ALA C 211 18.07 21.79 6.63
N LYS C 212 19.23 21.21 6.91
CA LYS C 212 19.45 19.77 6.74
C LYS C 212 18.52 18.94 7.63
N LEU C 213 18.31 19.41 8.87
CA LEU C 213 17.36 18.77 9.79
C LEU C 213 15.93 18.87 9.28
N LEU C 214 15.55 20.06 8.82
CA LEU C 214 14.20 20.32 8.34
C LEU C 214 13.83 19.51 7.10
N LEU C 215 14.83 19.25 6.25
CA LEU C 215 14.61 18.48 5.01
C LEU C 215 14.63 16.97 5.26
N ARG C 216 14.63 16.56 6.52
CA ARG C 216 14.44 15.16 6.90
C ARG C 216 12.95 14.90 7.19
N LEU C 217 12.18 15.97 7.35
CA LEU C 217 10.76 15.86 7.73
C LEU C 217 9.82 15.36 6.62
N PRO C 218 9.99 15.82 5.36
CA PRO C 218 9.18 15.19 4.30
C PRO C 218 9.45 13.69 4.11
N ALA C 219 10.70 13.26 4.23
CA ALA C 219 11.01 11.83 4.23
C ALA C 219 10.34 11.13 5.42
N LEU C 220 10.37 11.78 6.58
CA LEU C 220 9.66 11.30 7.77
C LEU C 220 8.16 11.26 7.54
N ARG C 221 7.62 12.22 6.80
CA ARG C 221 6.19 12.28 6.49
C ARG C 221 5.81 11.09 5.64
N SER C 222 6.54 10.91 4.54
CA SER C 222 6.32 9.81 3.62
C SER C 222 6.43 8.45 4.30
N ILE C 223 7.51 8.27 5.06
CA ILE C 223 7.78 7.02 5.78
C ILE C 223 6.67 6.74 6.81
N GLY C 224 6.16 7.79 7.42
CA GLY C 224 5.01 7.68 8.33
C GLY C 224 3.77 7.10 7.67
N LEU C 225 3.39 7.67 6.52
CA LEU C 225 2.24 7.16 5.76
C LEU C 225 2.35 5.68 5.48
N LYS C 226 3.54 5.23 5.05
CA LYS C 226 3.78 3.82 4.73
C LYS C 226 3.76 2.95 5.99
N CYS C 227 4.43 3.40 7.05
CA CYS C 227 4.43 2.68 8.31
C CYS C 227 3.02 2.53 8.85
N LEU C 228 2.20 3.56 8.67
CA LEU C 228 0.80 3.54 9.07
C LEU C 228 0.08 2.46 8.27
N GLU C 229 0.24 2.49 6.95
CA GLU C 229 -0.40 1.55 6.04
C GLU C 229 -0.13 0.10 6.40
N HIS C 230 1.14 -0.23 6.65
CA HIS C 230 1.55 -1.63 6.89
C HIS C 230 1.49 -2.04 8.36
N LEU C 231 1.08 -1.14 9.25
CA LEU C 231 1.13 -1.38 10.69
C LEU C 231 2.55 -1.73 11.13
N PHE C 232 3.52 -1.01 10.56
CA PHE C 232 4.94 -1.24 10.81
C PHE C 232 5.28 -1.26 12.30
N PHE C 233 4.80 -0.28 13.04
CA PHE C 233 5.06 -0.17 14.47
C PHE C 233 4.61 -1.41 15.24
N PHE C 234 3.41 -1.91 14.93
CA PHE C 234 2.87 -3.07 15.62
C PHE C 234 3.57 -4.37 15.21
N LYS C 235 4.15 -4.38 14.01
CA LYS C 235 4.96 -5.52 13.58
C LYS C 235 6.31 -5.57 14.29
N LEU C 236 6.84 -4.39 14.66
CA LEU C 236 8.10 -4.30 15.40
C LEU C 236 7.94 -4.80 16.83
N ILE C 237 7.01 -4.19 17.56
CA ILE C 237 6.75 -4.56 18.96
C ILE C 237 6.06 -5.92 19.10
N GLY C 238 5.49 -6.42 18.00
CA GLY C 238 4.90 -7.76 17.94
C GLY C 238 5.80 -8.82 17.33
N ASP C 239 6.86 -8.39 16.62
CA ASP C 239 7.85 -9.29 16.03
C ASP C 239 8.05 -10.56 16.85
N THR C 240 8.44 -10.37 18.10
CA THR C 240 8.63 -11.46 19.04
C THR C 240 8.05 -11.01 20.38
N PRO C 241 6.80 -11.43 20.73
CA PRO C 241 5.83 -12.47 20.37
C PRO C 241 6.03 -13.31 19.09
N ILE C 242 6.99 -14.22 19.19
CA ILE C 242 7.17 -15.32 18.24
C ILE C 242 6.98 -16.59 19.05
N ASP C 243 5.85 -16.65 19.77
CA ASP C 243 5.57 -17.76 20.69
C ASP C 243 5.42 -19.06 19.89
N LYS C 244 6.38 -19.96 20.08
CA LYS C 244 6.34 -21.26 19.42
C LYS C 244 6.05 -22.34 20.46
N PHE C 245 4.75 -22.49 20.75
CA PHE C 245 4.23 -23.61 21.52
C PHE C 245 3.64 -24.65 20.57
N LEU C 246 4.43 -25.02 19.56
CA LEU C 246 4.06 -26.03 18.58
C LEU C 246 5.28 -26.85 18.16
N ASN D 24 29.40 31.46 -1.67
CA ASN D 24 29.22 32.85 -1.16
C ASN D 24 28.98 33.86 -2.29
N PRO D 25 27.71 34.24 -2.53
CA PRO D 25 26.46 33.75 -1.96
C PRO D 25 25.82 32.59 -2.73
N ASN D 26 25.63 32.79 -4.04
CA ASN D 26 24.95 31.83 -4.89
C ASN D 26 25.55 31.78 -6.30
N ASP D 27 26.87 31.91 -6.37
CA ASP D 27 27.60 31.85 -7.64
C ASP D 27 27.52 30.45 -8.23
N ASP D 28 27.37 29.45 -7.36
CA ASP D 28 27.19 28.06 -7.77
C ASP D 28 25.76 27.79 -8.21
N MET D 29 24.78 28.33 -7.48
CA MET D 29 23.37 28.09 -7.76
C MET D 29 22.60 29.42 -7.78
N PRO D 30 22.71 30.17 -8.90
CA PRO D 30 22.10 31.49 -9.02
C PRO D 30 20.58 31.49 -8.95
N VAL D 31 20.02 32.30 -8.05
CA VAL D 31 18.56 32.44 -7.91
C VAL D 31 17.93 33.10 -9.13
N ASP D 32 18.65 34.05 -9.74
CA ASP D 32 18.17 34.75 -10.94
C ASP D 32 17.84 33.79 -12.07
N LYS D 33 18.71 32.82 -12.30
CA LYS D 33 18.49 31.78 -13.32
C LYS D 33 17.29 30.90 -12.97
N ILE D 34 17.10 30.62 -11.69
CA ILE D 34 15.95 29.84 -11.22
C ILE D 34 14.65 30.65 -11.35
N LEU D 35 14.76 31.98 -11.20
CA LEU D 35 13.63 32.88 -11.43
C LEU D 35 13.22 32.86 -12.89
N GLU D 36 14.21 32.87 -13.79
CA GLU D 36 13.97 32.80 -15.22
C GLU D 36 13.22 31.52 -15.60
N ALA D 37 13.66 30.40 -15.04
CA ALA D 37 13.02 29.10 -15.29
C ALA D 37 11.52 29.15 -15.07
N GLU D 38 11.10 29.73 -13.94
CA GLU D 38 9.68 29.92 -13.65
C GLU D 38 9.04 30.90 -14.63
N LEU D 39 9.73 32.01 -14.87
CA LEU D 39 9.21 33.09 -15.72
C LEU D 39 8.92 32.63 -17.15
N ILE D 40 9.88 31.93 -17.76
CA ILE D 40 9.70 31.43 -19.13
C ILE D 40 8.64 30.34 -19.23
N SER D 41 8.34 29.70 -18.10
CA SER D 41 7.27 28.69 -18.02
C SER D 41 5.89 29.34 -17.84
N ASP D 42 5.60 30.36 -18.63
CA ASP D 42 4.29 31.03 -18.61
C ASP D 42 3.33 30.29 -19.53
N ALA D 66 -14.12 13.90 -24.97
CA ALA D 66 -13.05 13.53 -25.89
C ALA D 66 -11.70 14.10 -25.39
N ALA D 67 -10.86 13.22 -24.84
CA ALA D 67 -9.59 13.64 -24.24
C ALA D 67 -8.52 13.95 -25.30
N ASP D 68 -7.67 12.98 -25.62
CA ASP D 68 -6.56 13.15 -26.58
C ASP D 68 -5.70 14.38 -26.26
N ARG D 69 -4.82 14.27 -25.26
CA ARG D 69 -4.02 15.42 -24.83
C ARG D 69 -2.77 15.09 -24.00
N GLN D 70 -2.01 16.16 -23.73
CA GLN D 70 -0.99 16.24 -22.67
C GLN D 70 0.45 16.11 -23.15
N LEU D 71 1.22 17.16 -22.88
CA LEU D 71 2.67 17.17 -23.11
C LEU D 71 3.32 18.28 -22.27
N VAL D 72 3.13 18.19 -20.96
CA VAL D 72 3.75 19.13 -20.02
C VAL D 72 5.24 18.81 -19.87
N THR D 73 6.06 19.55 -20.61
CA THR D 73 7.51 19.43 -20.52
C THR D 73 8.05 20.40 -19.48
N LEU D 74 7.89 20.05 -18.21
CA LEU D 74 8.63 20.68 -17.13
C LEU D 74 10.07 20.16 -17.15
N VAL D 75 10.36 19.28 -18.10
CA VAL D 75 11.72 18.84 -18.39
C VAL D 75 12.51 20.00 -18.99
N GLU D 76 11.81 20.92 -19.67
CA GLU D 76 12.42 22.16 -20.13
C GLU D 76 12.86 22.99 -18.94
N TRP D 77 11.92 23.22 -18.02
CA TRP D 77 12.19 23.91 -16.75
C TRP D 77 13.34 23.26 -15.99
N ALA D 78 13.36 21.93 -15.96
CA ALA D 78 14.43 21.18 -15.28
C ALA D 78 15.81 21.55 -15.84
N LYS D 79 15.90 21.66 -17.17
CA LYS D 79 17.14 22.08 -17.83
C LYS D 79 17.60 23.48 -17.40
N ARG D 80 16.63 24.38 -17.19
CA ARG D 80 16.92 25.76 -16.81
C ARG D 80 17.54 25.86 -15.41
N ILE D 81 17.18 24.92 -14.53
CA ILE D 81 17.72 24.88 -13.17
C ILE D 81 19.24 24.66 -13.25
N PRO D 82 20.03 25.63 -12.77
CA PRO D 82 21.48 25.60 -12.91
C PRO D 82 22.12 24.25 -12.58
N HIS D 83 22.94 23.74 -13.51
CA HIS D 83 23.74 22.52 -13.31
C HIS D 83 22.89 21.25 -13.11
N PHE D 84 21.69 21.23 -13.68
CA PHE D 84 20.86 20.03 -13.70
C PHE D 84 21.39 19.07 -14.76
N SER D 85 21.75 19.61 -15.91
CA SER D 85 22.31 18.82 -17.01
C SER D 85 23.73 18.33 -16.74
N SER D 86 24.38 18.89 -15.73
CA SER D 86 25.69 18.40 -15.26
C SER D 86 25.56 17.00 -14.65
N LEU D 87 24.38 16.66 -14.14
CA LEU D 87 24.12 15.33 -13.59
C LEU D 87 24.07 14.27 -14.70
N PRO D 88 24.38 13.01 -14.37
CA PRO D 88 24.25 11.89 -15.32
C PRO D 88 22.87 11.81 -15.95
N LEU D 89 22.80 11.31 -17.17
CA LEU D 89 21.54 11.23 -17.91
C LEU D 89 20.54 10.31 -17.20
N GLU D 90 21.04 9.21 -16.62
CA GLU D 90 20.20 8.29 -15.85
C GLU D 90 19.64 8.96 -14.59
N ASP D 91 20.51 9.63 -13.84
CA ASP D 91 20.08 10.42 -12.68
C ASP D 91 19.14 11.55 -13.08
N GLN D 92 19.31 12.05 -14.30
CA GLN D 92 18.42 13.08 -14.84
C GLN D 92 16.98 12.57 -14.98
N VAL D 93 16.83 11.31 -15.38
CA VAL D 93 15.52 10.69 -15.53
C VAL D 93 14.96 10.27 -14.16
N ILE D 94 15.81 9.66 -13.35
CA ILE D 94 15.44 9.19 -12.01
C ILE D 94 14.83 10.31 -11.15
N LEU D 95 15.36 11.53 -11.30
CA LEU D 95 14.89 12.67 -10.51
C LEU D 95 13.54 13.21 -10.99
N LEU D 96 13.34 13.28 -12.30
CA LEU D 96 12.10 13.79 -12.87
C LEU D 96 10.92 12.83 -12.65
N ARG D 97 11.20 11.53 -12.70
CA ARG D 97 10.16 10.51 -12.48
C ARG D 97 9.73 10.42 -11.02
N ALA D 98 10.63 10.76 -10.10
CA ALA D 98 10.30 10.82 -8.68
C ALA D 98 9.51 12.08 -8.37
N GLY D 99 9.96 13.21 -8.89
CA GLY D 99 9.43 14.52 -8.52
C GLY D 99 8.28 15.09 -9.33
N TRP D 100 8.05 14.58 -10.54
CA TRP D 100 7.10 15.21 -11.47
C TRP D 100 5.77 15.60 -10.82
N ASN D 101 5.21 14.68 -10.02
CA ASN D 101 3.89 14.90 -9.41
C ASN D 101 3.90 16.01 -8.36
N GLU D 102 4.99 16.10 -7.60
CA GLU D 102 5.18 17.18 -6.63
C GLU D 102 5.53 18.48 -7.33
N LEU D 103 6.42 18.40 -8.31
CA LEU D 103 6.84 19.57 -9.08
C LEU D 103 5.62 20.27 -9.69
N LEU D 104 4.81 19.53 -10.44
CA LEU D 104 3.61 20.09 -11.07
C LEU D 104 2.56 20.57 -10.07
N ILE D 105 2.32 19.80 -9.02
CA ILE D 105 1.25 20.12 -8.05
C ILE D 105 1.56 21.37 -7.22
N ALA D 106 2.85 21.70 -7.08
CA ALA D 106 3.26 22.96 -6.45
C ALA D 106 2.96 24.15 -7.36
N SER D 107 3.13 23.95 -8.67
CA SER D 107 2.90 25.02 -9.65
C SER D 107 1.42 25.42 -9.71
N PHE D 108 0.53 24.43 -9.73
CA PHE D 108 -0.91 24.69 -9.70
C PHE D 108 -1.34 25.40 -8.44
N SER D 109 -0.70 25.09 -7.32
CA SER D 109 -0.98 25.73 -6.04
C SER D 109 -0.56 27.20 -6.04
N HIS D 110 0.57 27.49 -6.69
CA HIS D 110 1.09 28.86 -6.76
C HIS D 110 0.29 29.76 -7.70
N ARG D 111 -0.41 29.17 -8.68
CA ARG D 111 -1.25 29.95 -9.58
C ARG D 111 -2.59 30.32 -8.93
N SER D 112 -3.10 29.44 -8.08
CA SER D 112 -4.43 29.58 -7.50
C SER D 112 -4.48 30.50 -6.27
N ILE D 113 -3.53 31.44 -6.17
CA ILE D 113 -3.48 32.40 -5.07
C ILE D 113 -4.41 33.59 -5.28
N ASP D 114 -4.84 33.80 -6.52
CA ASP D 114 -5.75 34.90 -6.85
C ASP D 114 -7.19 34.41 -7.06
N VAL D 115 -7.59 33.38 -6.32
CA VAL D 115 -8.93 32.80 -6.41
C VAL D 115 -9.24 31.97 -5.17
N LYS D 116 -10.24 32.40 -4.39
CA LYS D 116 -10.56 31.76 -3.12
C LYS D 116 -11.37 30.48 -3.26
N ASP D 117 -11.02 29.46 -2.47
CA ASP D 117 -11.71 28.17 -2.46
C ASP D 117 -11.86 27.56 -3.86
N SER D 118 -10.80 27.68 -4.67
CA SER D 118 -10.80 27.18 -6.04
C SER D 118 -9.37 27.10 -6.60
N ILE D 119 -9.01 25.93 -7.12
CA ILE D 119 -7.69 25.72 -7.71
C ILE D 119 -7.74 26.00 -9.21
N LEU D 120 -7.19 27.15 -9.61
CA LEU D 120 -7.17 27.56 -11.02
C LEU D 120 -6.17 26.72 -11.82
N LEU D 121 -6.65 26.10 -12.89
CA LEU D 121 -5.83 25.19 -13.71
C LEU D 121 -4.75 25.92 -14.50
N ALA D 122 -3.80 25.14 -15.04
CA ALA D 122 -2.67 25.67 -15.80
C ALA D 122 -3.07 26.06 -17.23
N SER D 123 -4.03 25.34 -17.80
CA SER D 123 -4.50 25.61 -19.16
C SER D 123 -5.45 26.80 -19.27
N GLY D 124 -5.74 27.45 -18.14
CA GLY D 124 -6.66 28.60 -18.09
C GLY D 124 -8.00 28.27 -17.46
N LEU D 125 -8.12 27.07 -16.87
CA LEU D 125 -9.39 26.60 -16.31
C LEU D 125 -9.63 27.15 -14.91
N HIS D 126 -10.77 26.78 -14.32
CA HIS D 126 -11.11 27.18 -12.95
C HIS D 126 -11.98 26.10 -12.29
N VAL D 127 -11.37 25.29 -11.42
CA VAL D 127 -12.06 24.22 -10.71
C VAL D 127 -12.36 24.65 -9.28
N HIS D 128 -13.63 24.60 -8.89
CA HIS D 128 -14.06 25.07 -7.58
C HIS D 128 -14.10 23.94 -6.55
N ARG D 129 -13.94 24.31 -5.28
CA ARG D 129 -13.99 23.36 -4.15
C ARG D 129 -15.23 22.47 -4.21
N HIS D 130 -16.40 23.11 -4.24
CA HIS D 130 -17.69 22.40 -4.31
C HIS D 130 -17.75 21.44 -5.50
N SER D 131 -17.12 21.81 -6.61
CA SER D 131 -17.15 20.99 -7.83
C SER D 131 -16.38 19.68 -7.68
N ALA D 132 -15.14 19.77 -7.21
CA ALA D 132 -14.29 18.59 -7.04
C ALA D 132 -14.76 17.68 -5.89
N HIS D 133 -15.52 18.24 -4.95
CA HIS D 133 -16.16 17.45 -3.89
C HIS D 133 -17.25 16.54 -4.48
N GLN D 134 -18.00 17.07 -5.44
CA GLN D 134 -18.98 16.28 -6.19
C GLN D 134 -18.29 15.27 -7.11
N ALA D 135 -17.10 15.61 -7.59
CA ALA D 135 -16.30 14.71 -8.41
C ALA D 135 -15.74 13.52 -7.61
N GLY D 136 -15.79 13.62 -6.28
CA GLY D 136 -15.36 12.53 -5.40
C GLY D 136 -14.03 12.82 -4.72
N VAL D 137 -13.33 13.85 -5.18
CA VAL D 137 -11.99 14.16 -4.72
C VAL D 137 -11.99 15.48 -3.96
N GLY D 138 -12.86 15.58 -2.97
CA GLY D 138 -13.00 16.79 -2.17
C GLY D 138 -11.93 16.98 -1.12
N PRO D 139 -11.81 16.06 -0.16
CA PRO D 139 -10.84 16.16 0.92
C PRO D 139 -9.41 16.45 0.44
N ILE D 140 -8.97 15.78 -0.60
CA ILE D 140 -7.66 16.05 -1.21
C ILE D 140 -7.59 17.48 -1.77
N PHE D 141 -8.71 17.96 -2.32
CA PHE D 141 -8.81 19.31 -2.86
C PHE D 141 -8.73 20.35 -1.73
N ASP D 142 -9.33 20.04 -0.59
CA ASP D 142 -9.24 20.88 0.61
C ASP D 142 -7.79 20.95 1.10
N ARG D 143 -7.11 19.80 1.12
CA ARG D 143 -5.70 19.74 1.51
C ARG D 143 -4.81 20.59 0.60
N VAL D 144 -5.02 20.48 -0.71
CA VAL D 144 -4.31 21.32 -1.67
C VAL D 144 -4.67 22.80 -1.45
N LEU D 145 -5.91 23.05 -1.08
CA LEU D 145 -6.42 24.40 -0.87
C LEU D 145 -5.88 25.08 0.40
N THR D 146 -5.89 24.36 1.52
CA THR D 146 -5.57 24.95 2.82
C THR D 146 -4.11 24.83 3.24
N GLU D 147 -3.40 23.84 2.73
CA GLU D 147 -2.02 23.58 3.14
C GLU D 147 -1.00 24.19 2.18
N LEU D 148 -1.30 24.19 0.88
CA LEU D 148 -0.39 24.74 -0.11
C LEU D 148 -0.86 26.11 -0.59
N VAL D 149 -2.03 26.15 -1.22
CA VAL D 149 -2.56 27.39 -1.80
C VAL D 149 -2.72 28.49 -0.74
N SER D 150 -3.50 28.20 0.29
CA SER D 150 -3.79 29.16 1.36
C SER D 150 -2.52 29.72 1.99
N LYS D 151 -1.56 28.85 2.28
CA LYS D 151 -0.35 29.25 3.00
C LYS D 151 0.69 29.92 2.11
N MET D 152 0.65 29.63 0.80
CA MET D 152 1.50 30.32 -0.16
C MET D 152 1.13 31.80 -0.29
N ARG D 153 -0.15 32.09 -0.08
CA ARG D 153 -0.70 33.45 -0.20
C ARG D 153 -0.47 34.27 1.08
N ASP D 154 -0.65 33.64 2.23
CA ASP D 154 -0.54 34.33 3.52
C ASP D 154 0.90 34.78 3.83
N MET D 155 1.88 34.21 3.14
CA MET D 155 3.27 34.70 3.21
C MET D 155 3.74 35.27 1.87
N MET D 156 2.81 35.43 0.93
CA MET D 156 3.10 35.98 -0.40
C MET D 156 4.40 35.43 -0.98
N MET D 157 4.43 34.11 -1.17
CA MET D 157 5.56 33.45 -1.80
C MET D 157 5.73 33.98 -3.22
N ASP D 158 6.93 34.41 -3.56
CA ASP D 158 7.23 34.92 -4.91
C ASP D 158 7.74 33.81 -5.82
N LYS D 159 7.88 34.13 -7.11
CA LYS D 159 8.23 33.14 -8.12
C LYS D 159 9.65 32.57 -7.95
N THR D 160 10.58 33.39 -7.47
CA THR D 160 11.97 32.93 -7.26
C THR D 160 12.05 31.90 -6.13
N GLU D 161 11.22 32.06 -5.10
CA GLU D 161 11.16 31.11 -3.99
C GLU D 161 10.51 29.81 -4.44
N LEU D 162 9.36 29.91 -5.10
CA LEU D 162 8.68 28.75 -5.67
C LEU D 162 9.64 27.94 -6.52
N GLY D 163 10.43 28.63 -7.34
CA GLY D 163 11.45 27.98 -8.16
C GLY D 163 12.46 27.18 -7.34
N CYS D 164 12.87 27.73 -6.21
CA CYS D 164 13.82 27.07 -5.31
C CYS D 164 13.21 25.87 -4.61
N LEU D 165 12.01 26.04 -4.06
CA LEU D 165 11.28 24.93 -3.44
C LEU D 165 11.13 23.76 -4.42
N ARG D 166 10.74 24.08 -5.65
CA ARG D 166 10.61 23.09 -6.71
C ARG D 166 11.97 22.51 -7.12
N ALA D 167 13.01 23.34 -7.07
CA ALA D 167 14.37 22.86 -7.34
C ALA D 167 14.90 22.01 -6.19
N VAL D 168 14.53 22.35 -4.96
CA VAL D 168 14.85 21.52 -3.79
C VAL D 168 14.15 20.15 -3.93
N VAL D 169 12.96 20.15 -4.51
CA VAL D 169 12.22 18.93 -4.80
C VAL D 169 12.87 18.17 -5.97
N LEU D 170 13.31 18.91 -6.98
CA LEU D 170 13.97 18.33 -8.15
C LEU D 170 15.19 17.50 -7.77
N PHE D 171 16.00 18.02 -6.85
CA PHE D 171 17.23 17.35 -6.46
C PHE D 171 17.02 16.42 -5.27
N ASN D 172 16.16 15.42 -5.44
CA ASN D 172 15.87 14.45 -4.38
C ASN D 172 17.03 13.48 -4.15
N PRO D 173 17.68 13.55 -2.97
CA PRO D 173 18.77 12.63 -2.67
C PRO D 173 18.30 11.31 -2.04
N ASP D 174 16.99 11.16 -1.84
CA ASP D 174 16.41 9.95 -1.27
C ASP D 174 16.10 8.93 -2.35
N VAL D 175 15.90 9.40 -3.57
CA VAL D 175 15.62 8.51 -4.70
C VAL D 175 16.82 7.56 -4.86
N LYS D 176 16.57 6.27 -4.67
CA LYS D 176 17.66 5.30 -4.56
C LYS D 176 18.09 4.70 -5.91
N ASN D 177 19.30 4.15 -5.88
CA ASN D 177 20.02 3.71 -7.08
C ASN D 177 20.22 4.79 -8.15
N PRO D 178 20.81 5.94 -7.76
CA PRO D 178 21.40 6.83 -8.74
C PRO D 178 22.90 6.56 -8.83
N SER D 179 23.60 7.30 -9.69
CA SER D 179 25.06 7.19 -9.79
C SER D 179 25.73 7.74 -8.53
N ASP D 180 25.33 8.94 -8.14
CA ASP D 180 25.85 9.62 -6.95
C ASP D 180 24.73 10.02 -5.99
N SER D 181 24.78 9.49 -4.77
CA SER D 181 23.83 9.84 -3.72
C SER D 181 24.26 11.09 -2.94
N ALA D 182 25.44 11.62 -3.26
CA ALA D 182 25.97 12.82 -2.60
C ALA D 182 26.01 14.04 -3.53
N HIS D 183 26.05 13.81 -4.84
CA HIS D 183 26.11 14.90 -5.82
C HIS D 183 24.76 15.59 -5.97
N ILE D 184 23.68 14.80 -6.02
CA ILE D 184 22.32 15.35 -6.04
C ILE D 184 22.05 16.06 -4.72
N GLU D 185 22.58 15.51 -3.63
CA GLU D 185 22.50 16.14 -2.32
C GLU D 185 23.32 17.44 -2.26
N SER D 186 24.40 17.51 -3.03
CA SER D 186 25.21 18.71 -3.12
C SER D 186 24.43 19.85 -3.79
N LEU D 187 23.74 19.54 -4.89
CA LEU D 187 22.91 20.53 -5.58
C LEU D 187 21.72 20.96 -4.70
N ARG D 188 21.18 20.01 -3.94
CA ARG D 188 20.16 20.30 -2.93
C ARG D 188 20.65 21.38 -1.98
N GLU D 189 21.82 21.16 -1.39
CA GLU D 189 22.42 22.11 -0.45
C GLU D 189 22.63 23.50 -1.04
N LYS D 190 23.11 23.55 -2.27
CA LYS D 190 23.42 24.81 -2.94
C LYS D 190 22.16 25.61 -3.28
N VAL D 191 21.05 24.92 -3.56
CA VAL D 191 19.79 25.59 -3.85
C VAL D 191 19.27 26.31 -2.62
N TYR D 192 19.13 25.59 -1.51
CA TYR D 192 18.59 26.21 -0.29
C TYR D 192 19.60 27.12 0.42
N ALA D 193 20.87 27.03 0.04
CA ALA D 193 21.87 28.00 0.47
C ALA D 193 21.54 29.36 -0.13
N SER D 194 21.18 29.35 -1.42
CA SER D 194 20.81 30.58 -2.13
C SER D 194 19.46 31.11 -1.67
N LEU D 195 18.48 30.22 -1.57
CA LEU D 195 17.13 30.57 -1.11
C LEU D 195 17.21 31.34 0.20
N GLU D 196 18.02 30.85 1.13
CA GLU D 196 18.20 31.48 2.44
C GLU D 196 18.77 32.88 2.30
N ALA D 197 19.84 33.01 1.51
CA ALA D 197 20.46 34.31 1.24
C ALA D 197 19.46 35.28 0.61
N TYR D 198 18.70 34.78 -0.37
CA TYR D 198 17.65 35.57 -1.00
C TYR D 198 16.62 36.05 0.03
N CYS D 199 16.20 35.13 0.90
CA CYS D 199 15.20 35.44 1.92
C CYS D 199 15.69 36.49 2.91
N ARG D 200 16.99 36.53 3.18
CA ARG D 200 17.57 37.56 4.05
C ARG D 200 17.56 38.93 3.39
N SER D 201 17.81 38.97 2.08
CA SER D 201 17.92 40.23 1.35
C SER D 201 16.56 40.88 1.10
N LYS D 202 15.66 40.14 0.45
CA LYS D 202 14.35 40.65 0.05
C LYS D 202 13.36 40.75 1.22
N TYR D 203 13.53 39.89 2.23
CA TYR D 203 12.64 39.86 3.39
C TYR D 203 13.46 39.80 4.70
N PRO D 204 14.19 40.88 5.01
CA PRO D 204 15.09 40.89 6.16
C PRO D 204 14.40 40.84 7.52
N ASP D 205 13.22 41.44 7.63
CA ASP D 205 12.47 41.46 8.89
C ASP D 205 11.75 40.12 9.18
N GLN D 206 11.81 39.18 8.24
CA GLN D 206 11.22 37.84 8.43
C GLN D 206 12.33 36.78 8.57
N PRO D 207 12.86 36.59 9.79
CA PRO D 207 13.95 35.64 9.99
C PRO D 207 13.54 34.17 9.81
N GLY D 208 12.38 33.79 10.34
CA GLY D 208 11.88 32.42 10.22
C GLY D 208 11.29 32.05 8.87
N ARG D 209 11.28 33.00 7.93
CA ARG D 209 10.69 32.80 6.60
C ARG D 209 11.31 31.61 5.89
N PHE D 210 12.63 31.62 5.74
CA PHE D 210 13.34 30.53 5.06
C PHE D 210 12.91 29.15 5.56
N ALA D 211 12.75 29.00 6.87
CA ALA D 211 12.24 27.76 7.44
C ALA D 211 10.76 27.52 7.10
N LYS D 212 9.95 28.58 7.17
CA LYS D 212 8.53 28.49 6.81
C LYS D 212 8.35 27.96 5.39
N LEU D 213 9.23 28.37 4.48
CA LEU D 213 9.23 27.85 3.11
C LEU D 213 9.45 26.34 3.09
N LEU D 214 10.53 25.89 3.72
CA LEU D 214 10.92 24.48 3.71
C LEU D 214 9.92 23.57 4.43
N LEU D 215 9.19 24.12 5.40
CA LEU D 215 8.22 23.33 6.16
C LEU D 215 6.89 23.07 5.42
N ARG D 216 6.77 23.60 4.19
CA ARG D 216 5.66 23.25 3.31
C ARG D 216 5.93 21.97 2.50
N LEU D 217 7.19 21.62 2.34
CA LEU D 217 7.56 20.43 1.56
C LEU D 217 6.98 19.11 2.09
N PRO D 218 6.94 18.91 3.42
CA PRO D 218 6.26 17.72 3.96
C PRO D 218 4.79 17.60 3.50
N ALA D 219 4.06 18.71 3.47
CA ALA D 219 2.69 18.73 2.97
C ALA D 219 2.65 18.44 1.47
N LEU D 220 3.61 18.99 0.74
CA LEU D 220 3.75 18.71 -0.69
C LEU D 220 4.03 17.23 -0.93
N ARG D 221 4.81 16.62 -0.04
CA ARG D 221 5.09 15.19 -0.12
C ARG D 221 3.82 14.38 0.12
N SER D 222 3.16 14.66 1.24
CA SER D 222 1.96 13.95 1.65
C SER D 222 0.84 14.07 0.62
N ILE D 223 0.61 15.29 0.15
CA ILE D 223 -0.45 15.59 -0.83
C ILE D 223 -0.15 14.98 -2.20
N GLY D 224 1.10 15.08 -2.64
CA GLY D 224 1.52 14.46 -3.90
C GLY D 224 1.28 12.96 -3.90
N LEU D 225 1.61 12.32 -2.78
CA LEU D 225 1.43 10.87 -2.61
C LEU D 225 -0.03 10.46 -2.78
N LYS D 226 -0.94 11.28 -2.27
CA LYS D 226 -2.38 11.04 -2.38
C LYS D 226 -2.91 11.17 -3.81
N CYS D 227 -2.29 12.04 -4.61
CA CYS D 227 -2.70 12.25 -6.00
C CYS D 227 -2.21 11.16 -6.96
N LEU D 228 -1.48 10.19 -6.45
CA LEU D 228 -1.02 9.04 -7.24
C LEU D 228 -1.80 7.76 -6.94
N GLU D 229 -2.83 7.87 -6.08
CA GLU D 229 -3.70 6.74 -5.80
C GLU D 229 -4.61 6.51 -7.00
N HIS D 230 -4.85 5.24 -7.34
CA HIS D 230 -5.65 4.91 -8.51
C HIS D 230 -7.08 5.41 -8.38
N LEU D 231 -7.65 5.27 -7.18
CA LEU D 231 -9.01 5.73 -6.92
C LEU D 231 -9.15 7.20 -7.29
N PHE D 232 -8.14 8.00 -6.97
CA PHE D 232 -8.09 9.40 -7.34
C PHE D 232 -8.20 9.55 -8.85
N PHE D 233 -7.30 8.88 -9.59
CA PHE D 233 -7.28 8.98 -11.05
C PHE D 233 -8.56 8.45 -11.72
N PHE D 234 -9.31 7.62 -11.01
CA PHE D 234 -10.56 7.05 -11.53
C PHE D 234 -11.75 7.94 -11.19
N LYS D 235 -11.73 8.53 -10.00
CA LYS D 235 -12.82 9.41 -9.54
C LYS D 235 -13.01 10.64 -10.42
N LEU D 236 -11.93 11.14 -11.01
CA LEU D 236 -11.99 12.33 -11.89
C LEU D 236 -12.05 11.93 -13.37
N ILE D 237 -12.81 10.87 -13.65
CA ILE D 237 -13.03 10.33 -15.00
C ILE D 237 -13.91 9.08 -14.84
N GLY D 238 -14.12 8.35 -15.92
CA GLY D 238 -14.56 6.95 -15.85
C GLY D 238 -15.84 6.67 -15.07
N ASP D 239 -15.85 5.54 -14.36
CA ASP D 239 -17.06 4.99 -13.75
C ASP D 239 -18.05 4.62 -14.86
N THR D 240 -18.79 5.61 -15.34
CA THR D 240 -19.77 5.49 -16.42
C THR D 240 -20.35 6.91 -16.57
N PRO D 241 -19.73 7.77 -17.42
CA PRO D 241 -18.97 7.67 -18.66
C PRO D 241 -18.84 6.27 -19.28
N ILE D 242 -19.79 5.96 -20.16
CA ILE D 242 -20.17 4.60 -20.52
C ILE D 242 -19.49 4.03 -21.77
N ASP D 243 -19.51 2.71 -21.87
CA ASP D 243 -19.06 1.96 -23.05
C ASP D 243 -17.62 2.29 -23.43
#